data_3QH0
#
_entry.id   3QH0
#
_cell.length_a   121.906
_cell.length_b   130.888
_cell.length_c   179.968
_cell.angle_alpha   90.00
_cell.angle_beta   90.00
_cell.angle_gamma   90.00
#
_symmetry.space_group_name_H-M   'I 2 2 2'
#
loop_
_entity.id
_entity.type
_entity.pdbx_description
1 polymer 'Prostaglandin G/H synthase 2'
2 branched 2-acetamido-2-deoxy-beta-D-glucopyranose-(1-4)-2-acetylamino-2-deoxy-alpha-L-idopyranose
3 branched alpha-D-mannopyranose-(1-4)-2-acetamido-2-deoxy-beta-D-glucopyranose-(1-4)-2-acetamido-2-deoxy-beta-D-glucopyranose
4 branched 2-acetamido-2-deoxy-alpha-D-glucopyranose-(1-4)-2-acetamido-2-deoxy-beta-D-glucopyranose
5 branched 2-acetamido-2-deoxy-beta-D-glucopyranose-(1-4)-2-acetamido-2-deoxy-beta-D-glucopyranose
6 non-polymer 1,2-ETHANEDIOL
7 non-polymer 'PALMITIC ACID'
8 non-polymer 'ACRYLIC ACID'
9 non-polymer 'PROTOPORPHYRIN IX CONTAINING CO'
10 non-polymer 2-acetamido-2-deoxy-beta-D-glucopyranose
11 non-polymer 'octyl beta-D-glucopyranoside'
12 water water
#
_entity_poly.entity_id   1
_entity_poly.type   'polypeptide(L)'
_entity_poly.pdbx_seq_one_letter_code
;MLFRAVLLCAALGLSQAANHHHHHHPCCSNPCQNRGECMSTGFDQYKCDCTRTGFYGENCTTPEFLTRIKLLLKPTPNTV
HYILTHFKGVWNIVNNIPFLRSLIMKYVLTSRSYLIDSPPTYNVHYGYKSWEAFSNLSYYTRALPPVADDCPTPMGVKGN
KELPDSKEVLEKVLLRREFIPDPQGSNMMFAFFAQHFTHQFFKTDHKRGPGFTRGLGHGVDLNHIYGETLDRQHKLRLFK
DGKLKYQVIGGEVYPPTVKDTQVEMIYPPHIPENLQFAVGQEVFGLVPGLMMYATIWLREHNRVCDILKQEHPEWGDEQL
FQTSRLILIGETIKIVIEDYVQHLSGYHFKLKFDPELLFNQQFQYQNRIASEFNTLYHWHPLLPDTFNIEDQEYSFKQFL
YNNSILLEHGLTQFVESFTRQIAGRVAGGRNVPIAVQAVAKASIDQSREMKYQSLNEYRKRFSLKPYTSFEELTGEKEMA
AELKALYSDIDVMELYPALLVEKPRPDAIFGETMVELGAPFSLKGLMGNPICSPQYWKPSTFGGEVGFKIINTASIQSLI
CNNVKGCPFTSFNVQDPQPTKTATIAASASHSRLDDINPTVLIKRRSTEL
;
_entity_poly.pdbx_strand_id   A,B
#
# COMPACT_ATOMS: atom_id res chain seq x y z
N HIS A 24 34.02 14.78 -0.62
CA HIS A 24 33.01 13.69 -0.38
C HIS A 24 31.70 14.23 0.17
N HIS A 25 30.67 13.37 0.25
CA HIS A 25 29.36 13.78 0.79
C HIS A 25 29.46 14.27 2.24
N PRO A 26 28.97 15.50 2.53
CA PRO A 26 29.07 16.08 3.88
C PRO A 26 28.34 15.31 4.99
N CYS A 27 27.44 14.39 4.63
CA CYS A 27 26.74 13.57 5.62
C CYS A 27 27.46 12.24 5.91
N CYS A 28 28.64 12.03 5.31
CA CYS A 28 29.38 10.76 5.43
C CYS A 28 29.63 10.34 6.87
N SER A 29 29.85 11.32 7.75
CA SER A 29 30.14 11.02 9.15
C SER A 29 28.90 10.71 9.99
N ASN A 30 27.74 10.69 9.34
CA ASN A 30 26.44 10.48 10.01
C ASN A 30 26.23 11.42 11.20
N PRO A 31 26.30 12.74 10.96
CA PRO A 31 26.28 13.70 12.07
C PRO A 31 24.92 13.84 12.78
N CYS A 32 23.81 13.61 12.10
CA CYS A 32 22.48 13.84 12.68
C CYS A 32 22.02 12.66 13.51
N GLN A 33 21.62 12.96 14.75
CA GLN A 33 21.31 11.95 15.75
C GLN A 33 19.82 11.86 16.00
N ASN A 34 19.41 10.79 16.68
CA ASN A 34 18.04 10.64 17.21
C ASN A 34 16.93 10.63 16.13
N ARG A 35 17.25 9.99 15.00
CA ARG A 35 16.37 9.89 13.83
CA ARG A 35 16.36 9.89 13.83
C ARG A 35 16.14 11.24 13.10
N GLY A 36 17.06 12.18 13.29
CA GLY A 36 17.04 13.43 12.51
C GLY A 36 17.56 13.13 11.11
N GLU A 37 17.20 13.96 10.12
CA GLU A 37 17.59 13.68 8.72
C GLU A 37 18.75 14.58 8.30
N CYS A 38 19.75 14.03 7.61
CA CYS A 38 20.88 14.83 7.11
C CYS A 38 20.67 15.18 5.64
N MET A 39 20.88 16.43 5.26
CA MET A 39 21.01 16.78 3.84
C MET A 39 22.17 17.72 3.61
N SER A 40 22.82 17.61 2.46
CA SER A 40 23.91 18.51 2.11
C SER A 40 23.33 19.88 1.80
N THR A 41 24.10 20.93 2.10
CA THR A 41 23.77 22.31 1.75
C THR A 41 25.08 22.90 1.27
N GLY A 42 25.39 22.80 0.00
CA GLY A 42 26.75 23.09 -0.47
C GLY A 42 27.64 21.86 -0.48
N PHE A 43 28.84 22.00 -1.05
CA PHE A 43 29.75 20.86 -1.25
C PHE A 43 30.33 20.30 0.06
N ASP A 44 30.47 21.16 1.05
CA ASP A 44 31.19 20.83 2.28
C ASP A 44 30.40 21.13 3.56
N GLN A 45 29.08 21.24 3.45
CA GLN A 45 28.23 21.62 4.59
C GLN A 45 26.92 20.80 4.59
N TYR A 46 26.35 20.60 5.77
CA TYR A 46 25.12 19.83 5.94
C TYR A 46 24.16 20.55 6.89
N LYS A 47 22.89 20.19 6.84
CA LYS A 47 21.93 20.62 7.85
C LYS A 47 21.15 19.40 8.29
N CYS A 48 20.82 19.34 9.57
CA CYS A 48 20.00 18.28 10.12
C CYS A 48 18.58 18.75 10.25
N ASP A 49 17.65 17.89 9.88
CA ASP A 49 16.22 18.13 10.04
C ASP A 49 15.76 17.35 11.26
N CYS A 50 15.43 18.08 12.33
CA CYS A 50 15.06 17.47 13.62
C CYS A 50 13.54 17.38 13.84
N THR A 51 12.77 17.55 12.77
CA THR A 51 11.32 17.51 12.85
C THR A 51 10.82 16.25 13.56
N ARG A 52 10.05 16.46 14.63
CA ARG A 52 9.40 15.39 15.41
C ARG A 52 10.35 14.37 16.04
N THR A 53 11.63 14.70 16.16
CA THR A 53 12.60 13.80 16.81
C THR A 53 12.57 13.97 18.32
N GLY A 54 12.09 15.12 18.77
CA GLY A 54 12.07 15.41 20.21
C GLY A 54 13.35 16.10 20.64
N PHE A 55 14.25 16.34 19.69
CA PHE A 55 15.52 16.97 19.95
C PHE A 55 15.68 18.18 19.05
N TYR A 56 16.66 19.03 19.37
CA TYR A 56 17.00 20.17 18.53
C TYR A 56 18.51 20.47 18.62
N GLY A 57 18.94 21.59 18.05
CA GLY A 57 20.35 21.90 17.95
C GLY A 57 20.92 21.38 16.64
N GLU A 58 22.16 21.76 16.35
CA GLU A 58 22.82 21.44 15.07
C GLU A 58 22.70 19.97 14.62
N ASN A 59 22.91 19.03 15.55
CA ASN A 59 22.86 17.59 15.22
C ASN A 59 21.71 16.81 15.88
N CYS A 60 20.63 17.51 16.26
CA CYS A 60 19.50 16.93 16.99
C CYS A 60 19.92 16.17 18.25
N THR A 61 20.80 16.79 19.04
CA THR A 61 21.27 16.19 20.29
C THR A 61 20.84 16.92 21.56
N THR A 62 20.20 18.08 21.44
CA THR A 62 19.65 18.76 22.62
C THR A 62 18.19 18.34 22.81
N PRO A 63 17.90 17.67 23.94
CA PRO A 63 16.54 17.17 24.13
C PRO A 63 15.57 18.27 24.53
N GLU A 64 14.34 18.18 24.03
CA GLU A 64 13.24 18.99 24.55
C GLU A 64 12.98 18.56 25.99
N PHE A 65 12.24 19.36 26.76
CA PHE A 65 12.01 19.05 28.17
C PHE A 65 11.32 17.71 28.38
N LEU A 66 10.23 17.47 27.66
CA LEU A 66 9.50 16.21 27.76
C LEU A 66 10.38 15.00 27.38
N THR A 67 11.25 15.19 26.40
CA THR A 67 12.23 14.17 25.98
C THR A 67 13.19 13.78 27.12
N ARG A 68 13.66 14.77 27.88
CA ARG A 68 14.47 14.53 29.08
C ARG A 68 13.79 13.59 30.06
N ILE A 69 12.54 13.89 30.39
CA ILE A 69 11.73 13.08 31.30
C ILE A 69 11.61 11.64 30.80
N LYS A 70 11.27 11.48 29.53
CA LYS A 70 11.16 10.17 28.89
C LYS A 70 12.49 9.42 28.96
N LEU A 71 13.59 10.11 28.66
CA LEU A 71 14.92 9.50 28.65
C LEU A 71 15.44 9.16 30.05
N LEU A 72 14.99 9.92 31.05
CA LEU A 72 15.31 9.63 32.45
C LEU A 72 14.55 8.40 32.95
N LEU A 73 13.31 8.25 32.48
CA LEU A 73 12.38 7.24 33.00
C LEU A 73 12.38 5.90 32.27
N LYS A 74 12.73 5.92 30.98
CA LYS A 74 12.66 4.72 30.14
C LYS A 74 13.66 3.65 30.55
N PRO A 75 13.18 2.46 30.95
CA PRO A 75 14.05 1.30 31.25
C PRO A 75 14.77 0.80 30.00
N THR A 76 15.97 0.24 30.20
CA THR A 76 16.73 -0.36 29.09
C THR A 76 16.07 -1.66 28.60
N PRO A 77 16.38 -2.07 27.35
CA PRO A 77 15.88 -3.35 26.84
C PRO A 77 16.22 -4.53 27.76
N ASN A 78 17.43 -4.53 28.34
CA ASN A 78 17.88 -5.62 29.18
C ASN A 78 17.16 -5.69 30.53
N THR A 79 16.79 -4.53 31.08
CA THR A 79 15.90 -4.48 32.24
C THR A 79 14.52 -5.07 31.89
N VAL A 80 13.99 -4.69 30.73
CA VAL A 80 12.67 -5.16 30.31
C VAL A 80 12.67 -6.67 30.01
N HIS A 81 13.76 -7.15 29.39
CA HIS A 81 13.93 -8.58 29.14
C HIS A 81 13.97 -9.36 30.46
N TYR A 82 14.68 -8.82 31.44
CA TYR A 82 14.77 -9.43 32.76
C TYR A 82 13.39 -9.58 33.41
N ILE A 83 12.59 -8.51 33.35
CA ILE A 83 11.25 -8.50 33.93
C ILE A 83 10.31 -9.48 33.24
N LEU A 84 10.41 -9.56 31.91
CA LEU A 84 9.59 -10.44 31.12
C LEU A 84 9.97 -11.93 31.25
N THR A 85 11.20 -12.18 31.71
CA THR A 85 11.65 -13.56 31.86
C THR A 85 11.77 -14.00 33.33
N HIS A 86 11.34 -13.12 34.25
CA HIS A 86 11.32 -13.44 35.68
C HIS A 86 9.95 -13.16 36.25
N PHE A 87 9.81 -13.20 37.58
CA PHE A 87 8.55 -12.92 38.26
C PHE A 87 7.40 -13.74 37.64
N LYS A 88 7.64 -15.04 37.46
CA LYS A 88 6.68 -15.93 36.80
C LYS A 88 5.33 -15.93 37.50
N GLY A 89 5.36 -15.75 38.82
CA GLY A 89 4.15 -15.63 39.64
C GLY A 89 3.24 -14.49 39.21
N VAL A 90 3.81 -13.32 38.94
CA VAL A 90 3.03 -12.16 38.52
C VAL A 90 2.48 -12.32 37.10
N TRP A 91 3.27 -12.94 36.22
CA TRP A 91 2.85 -13.16 34.83
C TRP A 91 1.72 -14.16 34.76
N ASN A 92 1.75 -15.17 35.63
CA ASN A 92 0.60 -16.07 35.78
C ASN A 92 -0.68 -15.29 36.05
N ILE A 93 -0.63 -14.32 36.96
CA ILE A 93 -1.78 -13.45 37.21
C ILE A 93 -2.12 -12.61 35.97
N VAL A 94 -1.14 -11.88 35.44
CA VAL A 94 -1.35 -10.98 34.31
C VAL A 94 -1.95 -11.68 33.08
N ASN A 95 -1.46 -12.87 32.77
CA ASN A 95 -1.96 -13.63 31.62
C ASN A 95 -3.44 -13.98 31.68
N ASN A 96 -3.97 -14.12 32.89
CA ASN A 96 -5.35 -14.56 33.08
C ASN A 96 -6.35 -13.43 33.33
N ILE A 97 -5.86 -12.20 33.37
CA ILE A 97 -6.74 -11.04 33.41
C ILE A 97 -6.73 -10.41 32.02
N PRO A 98 -7.74 -10.77 31.19
CA PRO A 98 -7.79 -10.41 29.77
C PRO A 98 -7.53 -8.93 29.52
N PHE A 99 -8.09 -8.07 30.37
CA PHE A 99 -7.90 -6.61 30.28
C PHE A 99 -6.41 -6.23 30.35
N LEU A 100 -5.71 -6.77 31.34
CA LEU A 100 -4.28 -6.50 31.49
C LEU A 100 -3.45 -7.13 30.37
N ARG A 101 -3.78 -8.37 30.00
CA ARG A 101 -3.07 -9.04 28.90
C ARG A 101 -3.20 -8.23 27.62
N SER A 102 -4.41 -7.74 27.35
CA SER A 102 -4.68 -6.92 26.18
C SER A 102 -3.91 -5.60 26.23
N LEU A 103 -3.88 -4.99 27.42
CA LEU A 103 -3.19 -3.73 27.62
C LEU A 103 -1.68 -3.87 27.35
N ILE A 104 -1.07 -4.94 27.87
CA ILE A 104 0.36 -5.19 27.65
C ILE A 104 0.66 -5.49 26.18
N MET A 105 -0.17 -6.32 25.55
CA MET A 105 0.06 -6.69 24.15
C MET A 105 -0.06 -5.47 23.24
N LYS A 106 -1.03 -4.60 23.54
CA LYS A 106 -1.24 -3.35 22.81
C LYS A 106 -0.01 -2.46 22.83
N TYR A 107 0.60 -2.32 24.01
CA TYR A 107 1.85 -1.59 24.15
C TYR A 107 3.00 -2.23 23.37
N VAL A 108 3.12 -3.55 23.44
CA VAL A 108 4.14 -4.27 22.67
C VAL A 108 3.98 -3.93 21.17
N LEU A 109 2.77 -4.09 20.65
CA LEU A 109 2.51 -3.83 19.24
C LEU A 109 2.87 -2.39 18.80
N THR A 110 2.45 -1.41 19.60
CA THR A 110 2.52 -0.02 19.15
C THR A 110 3.91 0.58 19.30
N SER A 111 4.56 0.36 20.45
CA SER A 111 5.93 0.82 20.65
C SER A 111 6.94 0.19 19.65
N ARG A 112 6.82 -1.11 19.37
CA ARG A 112 7.72 -1.74 18.40
C ARG A 112 7.49 -1.20 16.98
N SER A 113 6.23 -1.06 16.58
CA SER A 113 5.88 -0.64 15.22
C SER A 113 6.34 0.77 14.88
N TYR A 114 6.32 1.64 15.88
CA TYR A 114 6.75 3.05 15.77
C TYR A 114 8.17 3.23 15.20
N LEU A 115 9.03 2.23 15.39
CA LEU A 115 10.41 2.30 14.92
C LEU A 115 10.57 2.08 13.42
N ILE A 116 9.50 1.68 12.74
CA ILE A 116 9.54 1.39 11.31
C ILE A 116 8.91 2.54 10.53
N ASP A 117 9.59 3.07 9.52
CA ASP A 117 8.97 4.05 8.61
C ASP A 117 7.89 3.36 7.78
N SER A 118 6.66 3.87 7.85
CA SER A 118 5.56 3.33 7.06
C SER A 118 4.52 4.43 6.79
N PRO A 119 4.38 4.87 5.52
CA PRO A 119 4.98 4.41 4.27
C PRO A 119 6.52 4.38 4.28
N PRO A 120 7.12 3.42 3.56
CA PRO A 120 8.56 3.20 3.56
C PRO A 120 9.32 4.35 2.86
N THR A 121 10.60 4.44 3.15
CA THR A 121 11.43 5.56 2.69
C THR A 121 12.59 5.13 1.79
N TYR A 122 13.75 4.82 2.36
CA TYR A 122 14.97 4.57 1.57
C TYR A 122 15.05 3.19 0.92
N ASN A 123 15.98 3.05 -0.03
CA ASN A 123 16.39 1.75 -0.54
C ASN A 123 17.88 1.79 -0.97
N VAL A 124 18.39 0.69 -1.54
CA VAL A 124 19.80 0.59 -1.93
C VAL A 124 20.23 1.73 -2.87
N HIS A 125 19.31 2.24 -3.67
CA HIS A 125 19.66 3.29 -4.62
C HIS A 125 19.30 4.70 -4.18
N TYR A 126 18.54 4.83 -3.10
CA TYR A 126 18.02 6.13 -2.69
C TYR A 126 18.26 6.38 -1.21
N GLY A 127 19.21 7.26 -0.91
CA GLY A 127 19.49 7.69 0.46
C GLY A 127 18.75 8.95 0.85
N TYR A 128 17.83 9.38 -0.02
CA TYR A 128 16.91 10.49 0.26
C TYR A 128 15.54 9.98 -0.19
N LYS A 129 14.46 10.55 0.33
CA LYS A 129 13.11 10.11 -0.02
C LYS A 129 12.84 10.44 -1.50
N SER A 130 12.18 9.53 -2.21
CA SER A 130 11.80 9.78 -3.61
C SER A 130 10.60 8.94 -3.99
N TRP A 131 9.88 9.42 -5.00
CA TRP A 131 8.78 8.66 -5.55
C TRP A 131 9.23 7.29 -6.05
N GLU A 132 10.44 7.22 -6.62
CA GLU A 132 10.93 5.94 -7.14
C GLU A 132 11.10 4.94 -6.00
N ALA A 133 11.75 5.35 -4.91
CA ALA A 133 11.90 4.46 -3.75
C ALA A 133 10.55 4.09 -3.11
N PHE A 134 9.64 5.05 -2.98
CA PHE A 134 8.30 4.73 -2.50
C PHE A 134 7.53 3.75 -3.41
N SER A 135 7.56 3.97 -4.71
CA SER A 135 6.60 3.29 -5.58
C SER A 135 7.09 1.97 -6.17
N ASN A 136 8.40 1.76 -6.20
CA ASN A 136 8.94 0.60 -6.93
C ASN A 136 9.04 -0.61 -6.01
N LEU A 137 8.12 -1.55 -6.17
CA LEU A 137 7.99 -2.68 -5.25
C LEU A 137 9.08 -3.75 -5.41
N SER A 138 9.85 -3.65 -6.50
CA SER A 138 10.94 -4.60 -6.75
C SER A 138 12.12 -4.43 -5.78
N TYR A 139 12.18 -3.30 -5.08
CA TYR A 139 13.24 -3.08 -4.09
C TYR A 139 12.83 -3.55 -2.70
N TYR A 140 13.79 -4.11 -1.96
CA TYR A 140 13.69 -4.16 -0.50
C TYR A 140 13.80 -2.72 -0.01
N THR A 141 13.07 -2.35 1.03
CA THR A 141 13.25 -1.01 1.56
C THR A 141 14.48 -1.01 2.51
N ARG A 142 14.88 0.18 2.96
CA ARG A 142 16.05 0.27 3.84
C ARG A 142 15.71 1.06 5.10
N ALA A 143 15.99 0.48 6.28
CA ALA A 143 15.82 1.19 7.55
C ALA A 143 16.84 2.31 7.74
N LEU A 144 18.05 2.14 7.22
CA LEU A 144 18.99 3.27 7.14
C LEU A 144 19.44 3.44 5.71
N PRO A 145 19.63 4.69 5.27
CA PRO A 145 20.12 4.91 3.90
C PRO A 145 21.51 4.30 3.72
N PRO A 146 21.88 3.98 2.47
CA PRO A 146 23.23 3.47 2.24
C PRO A 146 24.30 4.55 2.49
N VAL A 147 25.51 4.10 2.84
CA VAL A 147 26.67 4.99 2.92
C VAL A 147 26.88 5.55 1.52
N ALA A 148 27.14 6.85 1.42
CA ALA A 148 27.29 7.51 0.11
C ALA A 148 28.45 6.92 -0.69
N ASP A 149 28.29 6.86 -2.00
CA ASP A 149 29.32 6.31 -2.89
C ASP A 149 30.71 6.92 -2.69
N ASP A 150 30.78 8.21 -2.39
CA ASP A 150 32.07 8.88 -2.36
C ASP A 150 32.71 9.04 -0.97
N CYS A 151 32.19 8.36 0.06
CA CYS A 151 32.75 8.49 1.42
C CYS A 151 34.20 7.98 1.49
N PRO A 152 35.05 8.65 2.28
CA PRO A 152 36.45 8.27 2.29
C PRO A 152 36.73 6.91 2.92
N THR A 153 35.70 6.33 3.54
CA THR A 153 35.86 5.14 4.34
C THR A 153 34.62 4.28 4.08
N PRO A 154 34.76 2.94 4.15
CA PRO A 154 33.60 2.06 3.88
C PRO A 154 32.37 2.42 4.71
N MET A 155 32.56 2.75 6.00
CA MET A 155 31.44 3.10 6.86
C MET A 155 31.14 4.61 6.95
N GLY A 156 31.92 5.43 6.24
CA GLY A 156 31.70 6.87 6.26
C GLY A 156 33.02 7.60 6.36
N VAL A 157 33.43 7.94 7.58
CA VAL A 157 34.73 8.57 7.81
C VAL A 157 35.66 7.83 8.80
N LYS A 158 35.12 6.90 9.61
CA LYS A 158 35.92 6.17 10.62
C LYS A 158 36.53 4.89 10.05
N GLY A 159 37.50 4.32 10.77
CA GLY A 159 38.11 3.04 10.37
C GLY A 159 39.15 3.14 9.28
N ASN A 160 39.61 1.98 8.81
CA ASN A 160 40.60 1.89 7.73
C ASN A 160 39.95 2.07 6.37
N LYS A 161 40.77 2.30 5.34
CA LYS A 161 40.30 2.49 3.97
C LYS A 161 39.62 1.26 3.40
N GLU A 162 39.95 0.09 3.96
CA GLU A 162 39.27 -1.15 3.61
C GLU A 162 38.78 -1.86 4.85
N LEU A 163 37.64 -2.52 4.73
CA LEU A 163 37.14 -3.41 5.78
C LEU A 163 37.92 -4.72 5.73
N PRO A 164 37.96 -5.48 6.84
CA PRO A 164 38.71 -6.74 6.82
C PRO A 164 38.18 -7.69 5.74
N ASP A 165 39.07 -8.52 5.20
CA ASP A 165 38.68 -9.59 4.30
C ASP A 165 37.49 -10.38 4.87
N SER A 166 36.44 -10.57 4.06
CA SER A 166 35.23 -11.22 4.56
C SER A 166 35.44 -12.70 4.92
N LYS A 167 36.28 -13.39 4.16
CA LYS A 167 36.68 -14.76 4.48
C LYS A 167 37.36 -14.85 5.85
N GLU A 168 38.14 -13.81 6.19
CA GLU A 168 38.85 -13.76 7.46
C GLU A 168 37.89 -13.57 8.65
N VAL A 169 36.93 -12.66 8.51
CA VAL A 169 35.88 -12.50 9.53
C VAL A 169 35.13 -13.84 9.74
N LEU A 170 34.71 -14.45 8.63
CA LEU A 170 33.96 -15.69 8.64
C LEU A 170 34.75 -16.78 9.39
N GLU A 171 36.00 -17.03 8.96
CA GLU A 171 36.79 -18.13 9.54
C GLU A 171 37.14 -17.93 11.00
N LYS A 172 37.48 -16.69 11.37
CA LYS A 172 37.90 -16.41 12.75
C LYS A 172 36.79 -16.38 13.80
N VAL A 173 35.62 -15.84 13.46
CA VAL A 173 34.58 -15.63 14.48
C VAL A 173 33.20 -16.25 14.18
N LEU A 174 33.00 -16.73 12.94
CA LEU A 174 31.68 -17.24 12.55
C LEU A 174 31.59 -18.77 12.38
N LEU A 175 32.58 -19.39 11.77
CA LEU A 175 32.50 -20.84 11.53
C LEU A 175 32.48 -21.71 12.79
N ARG A 176 31.63 -22.75 12.74
CA ARG A 176 31.46 -23.73 13.81
C ARG A 176 32.72 -24.54 14.02
N ARG A 177 33.17 -24.59 15.28
CA ARG A 177 34.22 -25.51 15.67
C ARG A 177 33.53 -26.79 16.13
N GLU A 178 32.79 -26.71 17.24
CA GLU A 178 31.85 -27.76 17.57
C GLU A 178 30.45 -27.19 17.70
N PHE A 179 29.48 -28.06 17.46
CA PHE A 179 28.08 -27.69 17.49
C PHE A 179 27.74 -27.11 18.85
N ILE A 180 27.19 -25.91 18.84
CA ILE A 180 26.68 -25.29 20.05
C ILE A 180 25.15 -25.38 20.03
N PRO A 181 24.55 -26.15 20.94
CA PRO A 181 23.09 -26.27 20.96
C PRO A 181 22.40 -25.00 21.49
N ASP A 182 21.21 -24.69 20.98
CA ASP A 182 20.42 -23.57 21.48
C ASP A 182 20.02 -23.85 22.93
N PRO A 183 20.41 -22.96 23.86
CA PRO A 183 20.02 -23.25 25.26
C PRO A 183 18.52 -23.02 25.52
N GLN A 184 17.83 -22.29 24.62
CA GLN A 184 16.38 -22.19 24.68
C GLN A 184 15.66 -23.44 24.16
N GLY A 185 16.40 -24.43 23.70
CA GLY A 185 15.81 -25.69 23.27
C GLY A 185 15.08 -25.70 21.93
N SER A 186 15.33 -24.70 21.08
CA SER A 186 14.74 -24.71 19.73
C SER A 186 15.07 -26.01 19.00
N ASN A 187 14.09 -26.55 18.29
CA ASN A 187 14.27 -27.80 17.57
C ASN A 187 14.23 -27.62 16.05
N MET A 188 14.30 -28.73 15.33
CA MET A 188 14.33 -28.73 13.86
C MET A 188 12.96 -28.42 13.28
N MET A 189 11.89 -28.71 14.02
CA MET A 189 10.56 -28.23 13.63
C MET A 189 10.54 -26.69 13.59
N PHE A 190 11.19 -26.07 14.58
CA PHE A 190 11.32 -24.62 14.62
C PHE A 190 12.21 -24.10 13.49
N ALA A 191 13.33 -24.76 13.24
CA ALA A 191 14.29 -24.30 12.25
C ALA A 191 13.67 -24.34 10.85
N PHE A 192 12.99 -25.44 10.53
CA PHE A 192 12.38 -25.54 9.21
C PHE A 192 11.15 -24.67 9.04
N PHE A 193 10.45 -24.38 10.13
CA PHE A 193 9.33 -23.44 10.10
C PHE A 193 9.85 -22.03 9.77
N ALA A 194 10.89 -21.59 10.47
CA ALA A 194 11.52 -20.28 10.19
C ALA A 194 11.88 -20.12 8.71
N GLN A 195 12.56 -21.13 8.16
CA GLN A 195 12.98 -21.10 6.77
C GLN A 195 11.78 -21.10 5.78
N HIS A 196 10.83 -22.00 6.02
CA HIS A 196 9.64 -22.09 5.16
C HIS A 196 8.84 -20.77 5.22
N PHE A 197 8.53 -20.30 6.44
CA PHE A 197 7.74 -19.07 6.65
C PHE A 197 8.38 -17.81 6.04
N THR A 198 9.66 -17.58 6.32
CA THR A 198 10.31 -16.33 5.89
C THR A 198 10.61 -16.33 4.40
N HIS A 199 10.70 -17.50 3.77
CA HIS A 199 11.00 -17.53 2.34
C HIS A 199 9.85 -17.15 1.44
N GLN A 200 8.68 -16.87 2.01
CA GLN A 200 7.63 -16.20 1.25
C GLN A 200 7.95 -14.72 1.06
N PHE A 201 8.73 -14.10 1.95
CA PHE A 201 8.96 -12.66 1.82
C PHE A 201 10.42 -12.22 1.66
N PHE A 202 11.36 -13.13 1.90
CA PHE A 202 12.74 -12.91 1.52
C PHE A 202 13.01 -13.77 0.29
N LYS A 203 12.87 -13.16 -0.89
CA LYS A 203 13.04 -13.83 -2.19
C LYS A 203 13.89 -12.93 -3.06
N THR A 204 15.18 -12.90 -2.75
CA THR A 204 16.08 -11.97 -3.36
C THR A 204 16.19 -12.27 -4.85
N ASP A 205 16.12 -11.22 -5.66
CA ASP A 205 16.16 -11.37 -7.09
C ASP A 205 17.62 -11.27 -7.54
N HIS A 206 18.28 -12.42 -7.52
CA HIS A 206 19.71 -12.45 -7.81
C HIS A 206 20.08 -12.06 -9.23
N LYS A 207 19.10 -12.04 -10.13
CA LYS A 207 19.29 -11.48 -11.47
C LYS A 207 19.53 -9.97 -11.40
N ARG A 208 18.75 -9.29 -10.57
CA ARG A 208 18.87 -7.84 -10.45
C ARG A 208 19.93 -7.41 -9.45
N GLY A 209 20.08 -8.14 -8.35
CA GLY A 209 21.00 -7.72 -7.29
C GLY A 209 20.42 -7.93 -5.91
N PRO A 210 21.27 -7.86 -4.86
CA PRO A 210 20.85 -8.24 -3.52
C PRO A 210 19.83 -7.28 -2.87
N GLY A 211 19.71 -6.06 -3.38
CA GLY A 211 18.74 -5.11 -2.82
C GLY A 211 17.35 -5.20 -3.47
N PHE A 212 17.12 -6.24 -4.27
CA PHE A 212 15.88 -6.43 -5.05
C PHE A 212 15.19 -7.71 -4.62
N THR A 213 13.86 -7.68 -4.62
CA THR A 213 13.08 -8.83 -4.20
C THR A 213 12.11 -9.26 -5.31
N ARG A 214 11.80 -10.55 -5.35
CA ARG A 214 10.73 -11.10 -6.17
C ARG A 214 9.40 -11.22 -5.40
N GLY A 215 9.45 -10.92 -4.11
CA GLY A 215 8.26 -11.03 -3.27
C GLY A 215 7.52 -9.71 -3.25
N LEU A 216 6.81 -9.40 -4.33
CA LEU A 216 6.19 -8.05 -4.50
C LEU A 216 5.04 -7.77 -3.55
N GLY A 217 4.52 -8.83 -2.91
CA GLY A 217 3.48 -8.73 -1.90
C GLY A 217 4.01 -8.17 -0.58
N HIS A 218 5.32 -8.27 -0.36
CA HIS A 218 5.99 -7.66 0.80
C HIS A 218 5.36 -8.06 2.15
N GLY A 219 5.10 -9.35 2.31
CA GLY A 219 4.55 -9.82 3.58
C GLY A 219 3.94 -11.20 3.55
N VAL A 220 3.02 -11.44 4.48
CA VAL A 220 2.43 -12.76 4.64
C VAL A 220 1.25 -12.92 3.66
N ASP A 221 1.56 -13.23 2.40
CA ASP A 221 0.52 -13.52 1.40
C ASP A 221 0.41 -15.01 1.04
N LEU A 222 1.31 -15.81 1.59
CA LEU A 222 1.36 -17.25 1.32
C LEU A 222 1.66 -17.61 -0.15
N ASN A 223 2.42 -16.75 -0.83
CA ASN A 223 2.87 -17.04 -2.19
C ASN A 223 3.77 -18.29 -2.23
N HIS A 224 4.39 -18.66 -1.09
CA HIS A 224 5.23 -19.87 -1.03
C HIS A 224 4.40 -21.17 -1.12
N ILE A 225 3.08 -21.02 -0.95
CA ILE A 225 2.14 -22.13 -1.12
C ILE A 225 1.40 -21.97 -2.46
N TYR A 226 0.94 -20.74 -2.75
CA TYR A 226 0.04 -20.48 -3.87
C TYR A 226 0.73 -20.00 -5.14
N GLY A 227 1.97 -19.54 -5.02
CA GLY A 227 2.68 -18.98 -6.18
C GLY A 227 2.67 -17.45 -6.15
N GLU A 228 3.74 -16.85 -6.63
CA GLU A 228 3.83 -15.41 -6.70
C GLU A 228 2.89 -14.86 -7.80
N THR A 229 2.84 -15.52 -8.95
CA THR A 229 2.02 -15.02 -10.06
C THR A 229 0.74 -15.80 -10.27
N LEU A 230 -0.25 -15.12 -10.83
CA LEU A 230 -1.50 -15.73 -11.23
C LEU A 230 -1.27 -16.97 -12.10
N ASP A 231 -0.34 -16.89 -13.05
CA ASP A 231 -0.04 -18.01 -13.95
CA ASP A 231 -0.03 -17.99 -13.96
C ASP A 231 0.38 -19.25 -13.18
N ARG A 232 1.30 -19.07 -12.23
CA ARG A 232 1.78 -20.18 -11.41
C ARG A 232 0.66 -20.76 -10.52
N GLN A 233 -0.12 -19.87 -9.88
CA GLN A 233 -1.25 -20.26 -9.03
C GLN A 233 -2.24 -21.14 -9.79
N HIS A 234 -2.58 -20.70 -11.00
CA HIS A 234 -3.50 -21.44 -11.86
C HIS A 234 -2.97 -22.82 -12.29
N LYS A 235 -1.66 -22.95 -12.43
CA LYS A 235 -1.05 -24.26 -12.73
C LYS A 235 -1.01 -25.20 -11.52
N LEU A 236 -1.07 -24.62 -10.31
CA LEU A 236 -1.08 -25.41 -9.07
C LEU A 236 -2.48 -25.81 -8.62
N ARG A 237 -3.50 -25.16 -9.18
CA ARG A 237 -4.87 -25.34 -8.71
C ARG A 237 -5.55 -26.48 -9.42
N LEU A 238 -6.44 -27.14 -8.69
CA LEU A 238 -7.26 -28.21 -9.26
C LEU A 238 -8.46 -27.65 -10.04
N PHE A 239 -8.98 -26.49 -9.62
CA PHE A 239 -10.23 -25.92 -10.16
C PHE A 239 -11.49 -26.78 -9.91
N LYS A 240 -11.40 -27.59 -8.85
CA LYS A 240 -12.54 -28.29 -8.32
C LYS A 240 -12.48 -28.07 -6.80
N ASP A 241 -13.62 -27.65 -6.21
CA ASP A 241 -13.76 -27.57 -4.74
C ASP A 241 -12.78 -26.60 -4.05
N GLY A 242 -12.16 -25.70 -4.82
CA GLY A 242 -11.22 -24.70 -4.28
C GLY A 242 -9.81 -25.24 -4.11
N LYS A 243 -9.60 -26.50 -4.48
CA LYS A 243 -8.41 -27.23 -4.05
C LYS A 243 -7.16 -27.00 -4.87
N LEU A 244 -6.02 -27.31 -4.25
CA LEU A 244 -4.73 -27.40 -4.91
C LEU A 244 -4.57 -28.81 -5.47
N LYS A 245 -3.88 -28.93 -6.60
CA LYS A 245 -3.55 -30.24 -7.17
C LYS A 245 -2.65 -31.00 -6.21
N TYR A 246 -2.73 -32.33 -6.27
CA TYR A 246 -1.92 -33.18 -5.41
C TYR A 246 -1.72 -34.53 -6.10
N GLN A 247 -0.83 -35.33 -5.52
CA GLN A 247 -0.72 -36.73 -5.89
C GLN A 247 -0.82 -37.60 -4.65
N VAL A 248 -1.16 -38.88 -4.84
CA VAL A 248 -1.31 -39.83 -3.75
C VAL A 248 -0.28 -40.96 -3.96
N ILE A 249 0.74 -41.00 -3.10
CA ILE A 249 1.79 -42.00 -3.18
C ILE A 249 1.76 -42.84 -1.91
N GLY A 250 1.61 -44.16 -2.07
CA GLY A 250 1.47 -45.08 -0.95
C GLY A 250 0.37 -44.66 0.01
N GLY A 251 -0.75 -44.17 -0.52
CA GLY A 251 -1.86 -43.70 0.31
C GLY A 251 -1.70 -42.34 0.96
N GLU A 252 -0.59 -41.64 0.68
CA GLU A 252 -0.29 -40.34 1.29
C GLU A 252 -0.37 -39.20 0.28
N VAL A 253 -0.97 -38.08 0.70
CA VAL A 253 -1.11 -36.88 -0.14
C VAL A 253 0.18 -36.06 -0.19
N TYR A 254 0.71 -35.86 -1.40
CA TYR A 254 1.90 -35.03 -1.60
C TYR A 254 1.60 -33.99 -2.69
N PRO A 255 2.47 -32.96 -2.80
CA PRO A 255 2.31 -32.03 -3.91
C PRO A 255 2.43 -32.75 -5.25
N PRO A 256 1.88 -32.13 -6.31
CA PRO A 256 1.91 -32.73 -7.63
C PRO A 256 3.31 -32.59 -8.25
N THR A 257 3.52 -33.17 -9.43
CA THR A 257 4.84 -33.10 -10.05
C THR A 257 4.98 -31.89 -10.98
N VAL A 258 6.23 -31.52 -11.26
CA VAL A 258 6.58 -30.59 -12.34
C VAL A 258 6.01 -31.02 -13.70
N LYS A 259 6.09 -32.31 -14.02
CA LYS A 259 5.58 -32.81 -15.32
C LYS A 259 4.07 -32.59 -15.48
N ASP A 260 3.31 -32.91 -14.43
CA ASP A 260 1.85 -32.76 -14.43
C ASP A 260 1.39 -31.28 -14.50
N THR A 261 2.05 -30.42 -13.75
CA THR A 261 1.61 -29.03 -13.58
C THR A 261 2.26 -28.06 -14.57
N GLN A 262 3.45 -28.43 -15.09
CA GLN A 262 4.32 -27.50 -15.86
C GLN A 262 4.76 -26.27 -15.04
N VAL A 263 4.91 -26.47 -13.74
CA VAL A 263 5.36 -25.45 -12.79
C VAL A 263 6.87 -25.60 -12.63
N GLU A 264 7.63 -24.57 -12.95
CA GLU A 264 9.08 -24.69 -12.83
C GLU A 264 9.53 -24.72 -11.37
N MET A 265 10.46 -25.63 -11.08
CA MET A 265 11.05 -25.77 -9.74
C MET A 265 12.56 -25.87 -9.92
N ILE A 266 13.32 -25.59 -8.87
CA ILE A 266 14.76 -25.78 -8.95
C ILE A 266 15.11 -27.20 -8.49
N TYR A 267 15.58 -28.03 -9.42
CA TYR A 267 16.00 -29.40 -9.15
C TYR A 267 17.18 -29.75 -10.05
N PRO A 268 18.14 -30.55 -9.54
CA PRO A 268 19.17 -31.10 -10.44
C PRO A 268 18.57 -32.06 -11.46
N PRO A 269 19.21 -32.21 -12.63
CA PRO A 269 18.70 -33.05 -13.72
C PRO A 269 18.37 -34.51 -13.36
N HIS A 270 19.09 -35.09 -12.39
CA HIS A 270 18.99 -36.52 -12.10
C HIS A 270 17.84 -36.95 -11.17
N ILE A 271 17.05 -35.99 -10.68
CA ILE A 271 15.95 -36.28 -9.77
C ILE A 271 14.80 -36.97 -10.53
N PRO A 272 14.35 -38.15 -10.04
CA PRO A 272 13.25 -38.90 -10.68
C PRO A 272 11.98 -38.05 -10.83
N GLU A 273 11.28 -38.21 -11.97
CA GLU A 273 10.13 -37.37 -12.33
C GLU A 273 9.17 -37.22 -11.16
N ASN A 274 8.85 -38.35 -10.55
CA ASN A 274 7.88 -38.40 -9.48
C ASN A 274 8.33 -37.71 -8.18
N LEU A 275 9.63 -37.45 -8.06
CA LEU A 275 10.17 -36.74 -6.90
C LEU A 275 10.38 -35.25 -7.15
N GLN A 276 10.05 -34.78 -8.36
CA GLN A 276 10.10 -33.36 -8.65
C GLN A 276 8.77 -32.71 -8.27
N PHE A 277 8.60 -32.50 -6.96
CA PHE A 277 7.38 -31.92 -6.38
C PHE A 277 7.25 -30.43 -6.74
N ALA A 278 6.07 -30.02 -7.19
CA ALA A 278 5.82 -28.62 -7.58
C ALA A 278 5.01 -27.91 -6.51
N VAL A 279 5.56 -26.82 -5.97
CA VAL A 279 4.92 -26.05 -4.90
C VAL A 279 5.05 -24.55 -5.25
N GLY A 280 4.46 -23.70 -4.41
CA GLY A 280 4.38 -22.26 -4.68
C GLY A 280 5.73 -21.57 -4.80
N GLN A 281 6.64 -21.89 -3.88
CA GLN A 281 8.02 -21.38 -3.86
C GLN A 281 8.98 -22.33 -4.61
N GLU A 282 9.63 -21.84 -5.67
CA GLU A 282 10.49 -22.68 -6.52
C GLU A 282 11.73 -23.33 -5.87
N VAL A 283 12.18 -22.85 -4.71
CA VAL A 283 13.38 -23.42 -4.04
C VAL A 283 13.09 -24.50 -2.99
N PHE A 284 11.81 -24.80 -2.75
CA PHE A 284 11.44 -25.68 -1.65
C PHE A 284 11.76 -27.18 -1.86
N GLY A 285 12.05 -27.59 -3.09
CA GLY A 285 12.59 -28.93 -3.32
C GLY A 285 14.04 -29.09 -2.86
N LEU A 286 14.70 -27.99 -2.53
CA LEU A 286 16.10 -27.98 -2.10
C LEU A 286 16.33 -28.78 -0.82
N VAL A 287 15.35 -28.77 0.07
CA VAL A 287 15.49 -29.30 1.42
C VAL A 287 14.21 -30.10 1.77
N PRO A 288 14.32 -31.39 2.15
CA PRO A 288 13.14 -32.17 2.59
C PRO A 288 12.36 -31.56 3.77
N GLY A 289 13.05 -30.85 4.66
CA GLY A 289 12.41 -30.15 5.77
C GLY A 289 11.48 -29.04 5.29
N LEU A 290 11.83 -28.42 4.17
CA LEU A 290 10.97 -27.42 3.56
C LEU A 290 9.76 -28.06 2.87
N MET A 291 9.98 -29.20 2.23
CA MET A 291 8.94 -29.94 1.53
C MET A 291 7.95 -30.58 2.52
N MET A 292 8.43 -30.89 3.72
CA MET A 292 7.56 -31.37 4.82
C MET A 292 6.48 -30.33 5.13
N TYR A 293 6.93 -29.08 5.33
CA TYR A 293 6.00 -27.99 5.58
C TYR A 293 5.13 -27.64 4.35
N ALA A 294 5.70 -27.67 3.14
CA ALA A 294 4.91 -27.44 1.93
C ALA A 294 3.75 -28.45 1.83
N THR A 295 4.07 -29.72 2.08
CA THR A 295 3.09 -30.81 2.09
C THR A 295 2.02 -30.62 3.17
N ILE A 296 2.44 -30.25 4.37
CA ILE A 296 1.52 -29.97 5.48
C ILE A 296 0.53 -28.83 5.15
N TRP A 297 1.06 -27.72 4.60
CA TRP A 297 0.23 -26.55 4.29
C TRP A 297 -0.71 -26.79 3.09
N LEU A 298 -0.24 -27.58 2.12
CA LEU A 298 -1.07 -28.02 0.99
C LEU A 298 -2.25 -28.86 1.51
N ARG A 299 -1.96 -29.83 2.38
CA ARG A 299 -3.01 -30.62 3.03
C ARG A 299 -4.00 -29.74 3.83
N GLU A 300 -3.46 -28.76 4.56
CA GLU A 300 -4.30 -27.83 5.32
C GLU A 300 -5.25 -27.01 4.40
N HIS A 301 -4.76 -26.53 3.26
CA HIS A 301 -5.59 -25.79 2.31
C HIS A 301 -6.78 -26.64 1.84
N ASN A 302 -6.47 -27.85 1.41
CA ASN A 302 -7.51 -28.76 0.93
C ASN A 302 -8.47 -29.19 2.03
N ARG A 303 -7.98 -29.30 3.27
CA ARG A 303 -8.83 -29.63 4.41
C ARG A 303 -9.84 -28.50 4.67
N VAL A 304 -9.33 -27.27 4.62
CA VAL A 304 -10.16 -26.07 4.81
C VAL A 304 -11.19 -25.93 3.66
N CYS A 305 -10.80 -26.28 2.42
CA CYS A 305 -11.78 -26.41 1.30
C CYS A 305 -12.95 -27.35 1.61
N ASP A 306 -12.64 -28.54 2.15
CA ASP A 306 -13.68 -29.51 2.55
C ASP A 306 -14.64 -28.94 3.60
N ILE A 307 -14.10 -28.25 4.61
CA ILE A 307 -14.92 -27.64 5.66
C ILE A 307 -15.86 -26.58 5.05
N LEU A 308 -15.31 -25.68 4.24
CA LEU A 308 -16.09 -24.59 3.64
C LEU A 308 -17.12 -25.12 2.64
N LYS A 309 -16.78 -26.18 1.91
CA LYS A 309 -17.75 -26.77 0.98
C LYS A 309 -18.94 -27.35 1.76
N GLN A 310 -18.68 -27.93 2.92
CA GLN A 310 -19.73 -28.44 3.78
C GLN A 310 -20.63 -27.28 4.29
N GLU A 311 -20.01 -26.17 4.69
CA GLU A 311 -20.74 -24.95 5.09
C GLU A 311 -21.44 -24.26 3.92
N HIS A 312 -20.86 -24.34 2.74
CA HIS A 312 -21.32 -23.60 1.58
C HIS A 312 -21.44 -24.48 0.33
N PRO A 313 -22.46 -25.37 0.30
CA PRO A 313 -22.62 -26.20 -0.91
C PRO A 313 -22.94 -25.35 -2.15
N GLU A 314 -23.39 -24.12 -1.94
CA GLU A 314 -23.71 -23.17 -3.01
C GLU A 314 -22.50 -22.43 -3.61
N TRP A 315 -21.35 -22.48 -2.94
CA TRP A 315 -20.16 -21.73 -3.39
C TRP A 315 -19.47 -22.41 -4.58
N GLY A 316 -18.92 -21.61 -5.48
CA GLY A 316 -18.09 -22.18 -6.55
C GLY A 316 -16.63 -22.37 -6.14
N ASP A 317 -15.86 -22.99 -7.05
CA ASP A 317 -14.43 -23.27 -6.83
C ASP A 317 -13.58 -22.03 -6.54
N GLU A 318 -13.83 -20.93 -7.25
CA GLU A 318 -13.06 -19.69 -7.02
C GLU A 318 -13.21 -19.15 -5.58
N GLN A 319 -14.44 -19.03 -5.10
CA GLN A 319 -14.68 -18.47 -3.77
C GLN A 319 -14.15 -19.43 -2.70
N LEU A 320 -14.31 -20.73 -2.91
CA LEU A 320 -13.72 -21.71 -2.02
C LEU A 320 -12.20 -21.53 -1.92
N PHE A 321 -11.52 -21.44 -3.07
CA PHE A 321 -10.08 -21.23 -3.08
C PHE A 321 -9.67 -19.94 -2.38
N GLN A 322 -10.31 -18.81 -2.74
CA GLN A 322 -9.93 -17.51 -2.20
C GLN A 322 -10.19 -17.43 -0.69
N THR A 323 -11.30 -18.02 -0.23
CA THR A 323 -11.64 -17.99 1.20
C THR A 323 -10.69 -18.86 2.06
N SER A 324 -10.37 -20.05 1.56
CA SER A 324 -9.37 -20.88 2.18
C SER A 324 -8.03 -20.17 2.30
N ARG A 325 -7.62 -19.46 1.25
CA ARG A 325 -6.36 -18.72 1.29
C ARG A 325 -6.35 -17.66 2.42
N LEU A 326 -7.42 -16.87 2.52
CA LEU A 326 -7.52 -15.93 3.66
C LEU A 326 -7.50 -16.60 5.04
N ILE A 327 -8.18 -17.74 5.16
CA ILE A 327 -8.12 -18.51 6.40
C ILE A 327 -6.69 -18.94 6.74
N LEU A 328 -5.96 -19.47 5.77
CA LEU A 328 -4.57 -19.93 5.98
C LEU A 328 -3.60 -18.79 6.32
N ILE A 329 -3.85 -17.62 5.74
CA ILE A 329 -3.12 -16.43 6.13
C ILE A 329 -3.34 -16.12 7.62
N GLY A 330 -4.61 -16.12 8.05
CA GLY A 330 -4.93 -15.94 9.47
C GLY A 330 -4.32 -16.98 10.40
N GLU A 331 -4.43 -18.26 10.00
CA GLU A 331 -3.78 -19.35 10.73
C GLU A 331 -2.27 -19.09 10.87
N THR A 332 -1.64 -18.70 9.77
CA THR A 332 -0.21 -18.49 9.75
C THR A 332 0.22 -17.40 10.75
N ILE A 333 -0.49 -16.27 10.72
CA ILE A 333 -0.16 -15.14 11.59
C ILE A 333 -0.38 -15.53 13.06
N LYS A 334 -1.46 -16.30 13.28
CA LYS A 334 -1.81 -16.77 14.60
C LYS A 334 -0.71 -17.67 15.20
N ILE A 335 -0.27 -18.66 14.42
CA ILE A 335 0.82 -19.56 14.84
C ILE A 335 2.13 -18.80 15.01
N VAL A 336 2.45 -17.89 14.09
CA VAL A 336 3.72 -17.16 14.18
C VAL A 336 3.81 -16.34 15.49
N ILE A 337 2.74 -15.62 15.84
CA ILE A 337 2.74 -14.82 17.07
C ILE A 337 2.72 -15.71 18.33
N GLU A 338 1.72 -16.57 18.43
CA GLU A 338 1.46 -17.26 19.69
C GLU A 338 2.28 -18.53 19.96
N ASP A 339 2.85 -19.11 18.91
CA ASP A 339 3.80 -20.23 19.08
C ASP A 339 5.25 -19.87 18.77
N TYR A 340 5.49 -19.39 17.56
CA TYR A 340 6.85 -19.14 17.06
C TYR A 340 7.57 -17.99 17.78
N VAL A 341 6.96 -16.80 17.76
CA VAL A 341 7.54 -15.64 18.42
C VAL A 341 7.52 -15.86 19.95
N GLN A 342 6.45 -16.46 20.46
CA GLN A 342 6.35 -16.80 21.88
C GLN A 342 7.55 -17.65 22.30
N HIS A 343 7.83 -18.69 21.50
CA HIS A 343 8.97 -19.57 21.79
C HIS A 343 10.29 -18.79 21.82
N LEU A 344 10.56 -18.05 20.74
CA LEU A 344 11.74 -17.23 20.60
C LEU A 344 11.95 -16.26 21.76
N SER A 345 10.87 -15.62 22.20
CA SER A 345 10.92 -14.55 23.19
C SER A 345 11.44 -15.01 24.54
N GLY A 346 11.02 -16.20 24.94
CA GLY A 346 11.30 -16.70 26.29
C GLY A 346 10.49 -16.00 27.35
N TYR A 347 9.48 -15.21 26.95
CA TYR A 347 8.67 -14.46 27.92
C TYR A 347 7.72 -15.39 28.67
N HIS A 348 7.48 -15.06 29.94
CA HIS A 348 6.38 -15.60 30.70
C HIS A 348 5.06 -14.93 30.33
N PHE A 349 5.12 -13.71 29.79
CA PHE A 349 3.91 -13.08 29.29
C PHE A 349 3.47 -13.84 28.05
N LYS A 350 2.17 -14.16 27.99
CA LYS A 350 1.55 -14.84 26.86
C LYS A 350 1.15 -13.88 25.71
N LEU A 351 1.97 -13.79 24.68
CA LEU A 351 1.66 -12.99 23.47
C LEU A 351 0.30 -13.33 22.88
N LYS A 352 -0.30 -12.39 22.17
CA LYS A 352 -1.66 -12.56 21.66
C LYS A 352 -1.80 -12.02 20.25
N PHE A 353 -2.37 -12.82 19.34
CA PHE A 353 -2.78 -12.31 18.05
C PHE A 353 -4.22 -11.88 18.16
N ASP A 354 -4.45 -10.58 18.07
CA ASP A 354 -5.80 -10.04 18.16
C ASP A 354 -5.81 -8.67 17.49
N PRO A 355 -6.21 -8.60 16.21
CA PRO A 355 -6.29 -7.36 15.45
C PRO A 355 -7.07 -6.21 16.16
N GLU A 356 -8.07 -6.57 16.97
CA GLU A 356 -8.88 -5.60 17.71
C GLU A 356 -8.06 -4.70 18.62
N LEU A 357 -6.92 -5.20 19.09
CA LEU A 357 -6.02 -4.41 19.93
C LEU A 357 -5.61 -3.08 19.29
N LEU A 358 -5.59 -3.04 17.97
CA LEU A 358 -5.11 -1.87 17.27
C LEU A 358 -6.23 -0.97 16.79
N PHE A 359 -7.50 -1.38 16.96
CA PHE A 359 -8.62 -0.65 16.36
C PHE A 359 -8.79 0.78 16.92
N ASN A 360 -8.29 1.01 18.13
CA ASN A 360 -8.32 2.34 18.74
CA ASN A 360 -8.31 2.34 18.74
C ASN A 360 -6.94 2.99 18.76
N GLN A 361 -6.02 2.46 17.98
CA GLN A 361 -4.65 2.95 17.91
C GLN A 361 -4.35 3.52 16.54
N GLN A 362 -3.25 4.27 16.46
CA GLN A 362 -2.72 4.69 15.16
C GLN A 362 -1.82 3.58 14.64
N PHE A 363 -2.07 3.15 13.41
CA PHE A 363 -1.34 2.04 12.81
C PHE A 363 -1.62 1.97 11.31
N GLN A 364 -0.58 1.73 10.52
CA GLN A 364 -0.69 1.61 9.07
C GLN A 364 -0.77 0.15 8.66
N TYR A 365 -1.89 -0.24 8.05
CA TYR A 365 -2.06 -1.61 7.56
C TYR A 365 -1.38 -1.77 6.20
N GLN A 366 -0.05 -1.76 6.20
CA GLN A 366 0.77 -1.97 5.00
C GLN A 366 2.15 -2.33 5.47
N ASN A 367 2.97 -2.87 4.58
CA ASN A 367 4.30 -3.32 4.94
C ASN A 367 5.17 -3.30 3.70
N ARG A 368 6.46 -3.06 3.92
CA ARG A 368 7.45 -3.17 2.87
C ARG A 368 8.63 -3.88 3.53
N ILE A 369 9.13 -4.93 2.88
CA ILE A 369 10.20 -5.74 3.49
C ILE A 369 11.57 -5.02 3.41
N ALA A 370 12.22 -4.85 4.56
CA ALA A 370 13.52 -4.18 4.65
C ALA A 370 14.63 -5.16 4.38
N SER A 371 15.60 -4.68 3.62
CA SER A 371 16.82 -5.41 3.37
C SER A 371 17.49 -5.87 4.68
N GLU A 372 17.53 -5.00 5.71
CA GLU A 372 18.18 -5.36 6.97
C GLU A 372 17.42 -6.43 7.76
N PHE A 373 16.11 -6.55 7.51
CA PHE A 373 15.31 -7.58 8.13
C PHE A 373 15.67 -8.94 7.51
N ASN A 374 15.84 -8.95 6.19
CA ASN A 374 16.40 -10.10 5.48
C ASN A 374 17.79 -10.50 6.06
N THR A 375 18.69 -9.53 6.13
CA THR A 375 20.04 -9.77 6.63
C THR A 375 20.04 -10.35 8.05
N LEU A 376 19.29 -9.74 8.97
CA LEU A 376 19.30 -10.21 10.35
C LEU A 376 18.74 -11.64 10.48
N TYR A 377 17.93 -12.04 9.50
CA TYR A 377 17.29 -13.35 9.50
C TYR A 377 18.12 -14.47 8.84
N HIS A 378 19.39 -14.19 8.57
CA HIS A 378 20.31 -15.22 8.08
C HIS A 378 20.81 -16.04 9.28
N TRP A 379 19.92 -16.90 9.80
CA TRP A 379 20.18 -17.69 11.00
C TRP A 379 20.79 -19.04 10.67
N HIS A 380 21.87 -19.01 9.90
CA HIS A 380 22.48 -20.26 9.52
CA HIS A 380 22.68 -20.18 9.50
C HIS A 380 23.03 -21.09 10.69
N PRO A 381 23.39 -20.47 11.84
CA PRO A 381 23.81 -21.37 12.94
C PRO A 381 22.73 -22.32 13.49
N LEU A 382 21.45 -22.07 13.15
CA LEU A 382 20.37 -22.99 13.55
C LEU A 382 20.64 -24.41 13.05
N LEU A 383 21.22 -24.51 11.86
CA LEU A 383 21.38 -25.80 11.20
C LEU A 383 22.33 -26.73 11.99
N PRO A 384 21.93 -28.00 12.14
CA PRO A 384 22.72 -29.00 12.83
C PRO A 384 23.85 -29.48 11.92
N ASP A 385 24.71 -30.37 12.44
CA ASP A 385 25.78 -31.00 11.65
C ASP A 385 25.23 -32.09 10.73
N THR A 386 24.20 -32.80 11.21
CA THR A 386 23.50 -33.84 10.44
C THR A 386 22.00 -33.80 10.71
N PHE A 387 21.24 -34.39 9.80
CA PHE A 387 19.79 -34.44 9.95
C PHE A 387 19.38 -35.83 10.37
N ASN A 388 18.89 -35.92 11.61
CA ASN A 388 18.67 -37.20 12.24
C ASN A 388 17.20 -37.60 12.17
N ILE A 389 16.90 -38.53 11.27
CA ILE A 389 15.53 -39.03 11.09
C ILE A 389 15.48 -40.52 11.40
N GLU A 390 14.57 -40.88 12.29
CA GLU A 390 14.44 -42.27 12.75
C GLU A 390 15.83 -42.73 13.22
N ASP A 391 16.34 -43.82 12.65
CA ASP A 391 17.67 -44.32 13.03
C ASP A 391 18.81 -43.81 12.16
N GLN A 392 18.51 -42.91 11.23
CA GLN A 392 19.49 -42.43 10.26
C GLN A 392 20.04 -41.06 10.62
N GLU A 393 21.29 -40.80 10.23
CA GLU A 393 21.88 -39.46 10.35
C GLU A 393 22.37 -39.04 8.97
N TYR A 394 21.71 -38.05 8.39
CA TYR A 394 21.99 -37.63 7.02
C TYR A 394 22.90 -36.40 6.97
N SER A 395 23.93 -36.47 6.12
CA SER A 395 24.79 -35.32 5.86
C SER A 395 24.04 -34.28 5.04
N PHE A 396 24.62 -33.09 4.93
CA PHE A 396 24.06 -32.03 4.08
C PHE A 396 23.95 -32.54 2.64
N LYS A 397 25.02 -33.15 2.14
CA LYS A 397 25.06 -33.68 0.77
C LYS A 397 23.94 -34.70 0.52
N GLN A 398 23.72 -35.59 1.48
CA GLN A 398 22.68 -36.59 1.39
C GLN A 398 21.26 -36.00 1.44
N PHE A 399 21.08 -35.01 2.31
CA PHE A 399 19.79 -34.37 2.58
C PHE A 399 19.33 -33.48 1.41
N LEU A 400 20.24 -32.69 0.87
CA LEU A 400 19.93 -31.77 -0.23
C LEU A 400 19.16 -32.42 -1.39
N TYR A 401 18.12 -31.74 -1.87
CA TYR A 401 17.26 -32.16 -3.00
C TYR A 401 16.68 -33.57 -2.88
N ASN A 402 16.60 -34.10 -1.67
CA ASN A 402 16.33 -35.51 -1.51
C ASN A 402 14.95 -35.80 -0.95
N ASN A 403 13.94 -35.62 -1.80
CA ASN A 403 12.57 -35.93 -1.41
C ASN A 403 12.28 -37.41 -1.14
N SER A 404 13.14 -38.32 -1.62
CA SER A 404 12.90 -39.75 -1.38
C SER A 404 12.99 -40.10 0.11
N ILE A 405 13.80 -39.35 0.84
CA ILE A 405 13.91 -39.44 2.30
C ILE A 405 12.54 -39.18 2.95
N LEU A 406 11.88 -38.12 2.49
CA LEU A 406 10.55 -37.77 2.98
C LEU A 406 9.58 -38.91 2.75
N LEU A 407 9.60 -39.49 1.54
CA LEU A 407 8.72 -40.59 1.19
C LEU A 407 9.04 -41.86 1.97
N GLU A 408 10.33 -42.15 2.16
CA GLU A 408 10.74 -43.39 2.82
C GLU A 408 10.37 -43.43 4.29
N HIS A 409 10.60 -42.32 4.99
CA HIS A 409 10.34 -42.20 6.42
C HIS A 409 8.90 -41.78 6.71
N GLY A 410 8.31 -41.01 5.79
CA GLY A 410 6.96 -40.45 5.97
C GLY A 410 6.95 -39.21 6.85
N LEU A 411 5.89 -38.42 6.74
CA LEU A 411 5.77 -37.17 7.46
C LEU A 411 5.70 -37.37 8.96
N THR A 412 5.04 -38.45 9.39
CA THR A 412 4.86 -38.73 10.81
C THR A 412 6.23 -38.86 11.48
N GLN A 413 7.12 -39.63 10.86
CA GLN A 413 8.45 -39.84 11.39
C GLN A 413 9.31 -38.58 11.28
N PHE A 414 9.13 -37.81 10.20
CA PHE A 414 9.80 -36.51 10.10
C PHE A 414 9.47 -35.64 11.32
N VAL A 415 8.17 -35.54 11.62
CA VAL A 415 7.71 -34.72 12.74
C VAL A 415 8.27 -35.23 14.07
N GLU A 416 8.14 -36.53 14.32
CA GLU A 416 8.64 -37.13 15.54
C GLU A 416 10.13 -36.90 15.73
N SER A 417 10.90 -37.11 14.66
CA SER A 417 12.37 -36.89 14.69
C SER A 417 12.78 -35.44 14.85
N PHE A 418 12.17 -34.53 14.08
CA PHE A 418 12.55 -33.13 14.12
C PHE A 418 12.10 -32.43 15.38
N THR A 419 11.05 -32.97 16.00
CA THR A 419 10.58 -32.47 17.29
C THR A 419 11.62 -32.72 18.38
N ARG A 420 12.39 -33.80 18.23
CA ARG A 420 13.38 -34.21 19.22
C ARG A 420 14.81 -33.72 18.94
N GLN A 421 15.10 -33.24 17.74
CA GLN A 421 16.47 -32.80 17.43
C GLN A 421 16.71 -31.33 17.74
N ILE A 422 17.73 -31.06 18.54
CA ILE A 422 18.09 -29.71 18.92
C ILE A 422 18.69 -28.88 17.76
N ALA A 423 18.33 -27.60 17.69
CA ALA A 423 18.93 -26.67 16.73
C ALA A 423 20.09 -25.91 17.35
N GLY A 424 20.87 -25.21 16.51
CA GLY A 424 22.06 -24.49 16.99
C GLY A 424 21.75 -23.11 17.57
N ARG A 425 22.58 -22.66 18.51
CA ARG A 425 22.54 -21.29 19.00
C ARG A 425 22.94 -20.29 17.89
N VAL A 426 22.18 -19.21 17.75
CA VAL A 426 22.45 -18.20 16.72
C VAL A 426 23.49 -17.15 17.12
N ALA A 427 23.34 -16.52 18.28
CA ALA A 427 24.35 -15.58 18.80
C ALA A 427 25.51 -16.29 19.53
N GLY A 428 26.50 -15.51 19.97
CA GLY A 428 27.54 -16.07 20.79
C GLY A 428 28.74 -16.57 20.01
N GLY A 429 28.67 -16.54 18.68
CA GLY A 429 29.84 -16.75 17.83
C GLY A 429 30.13 -18.19 17.47
N ARG A 430 30.94 -18.35 16.42
CA ARG A 430 31.52 -19.63 16.03
C ARG A 430 30.50 -20.79 15.99
N ASN A 431 29.41 -20.60 15.26
CA ASN A 431 28.41 -21.67 15.17
C ASN A 431 27.78 -21.80 13.76
N VAL A 432 28.40 -21.17 12.76
CA VAL A 432 27.95 -21.35 11.36
C VAL A 432 28.52 -22.66 10.81
N PRO A 433 27.65 -23.62 10.40
CA PRO A 433 28.16 -24.91 9.86
C PRO A 433 29.01 -24.69 8.62
N ILE A 434 30.06 -25.48 8.44
CA ILE A 434 30.98 -25.29 7.29
C ILE A 434 30.28 -25.55 5.94
N ALA A 435 29.31 -26.48 5.94
CA ALA A 435 28.53 -26.79 4.75
C ALA A 435 27.93 -25.53 4.10
N VAL A 436 27.73 -24.52 4.92
CA VAL A 436 27.02 -23.32 4.53
C VAL A 436 27.94 -22.07 4.47
N GLN A 437 29.26 -22.31 4.51
CA GLN A 437 30.23 -21.20 4.59
C GLN A 437 30.14 -20.18 3.44
N ALA A 438 29.86 -20.64 2.23
CA ALA A 438 29.72 -19.76 1.08
C ALA A 438 28.51 -18.82 1.18
N VAL A 439 27.43 -19.28 1.82
CA VAL A 439 26.24 -18.46 2.01
C VAL A 439 26.50 -17.38 3.06
N ALA A 440 27.13 -17.79 4.16
CA ALA A 440 27.53 -16.85 5.22
C ALA A 440 28.49 -15.77 4.71
N LYS A 441 29.45 -16.15 3.86
CA LYS A 441 30.38 -15.16 3.29
C LYS A 441 29.62 -14.15 2.41
N ALA A 442 28.69 -14.67 1.61
CA ALA A 442 27.87 -13.88 0.71
C ALA A 442 27.04 -12.86 1.49
N SER A 443 26.52 -13.26 2.65
CA SER A 443 25.83 -12.33 3.55
C SER A 443 26.66 -11.09 3.87
N ILE A 444 27.95 -11.29 4.17
CA ILE A 444 28.88 -10.19 4.46
C ILE A 444 29.17 -9.37 3.21
N ASP A 445 29.56 -10.05 2.14
CA ASP A 445 29.90 -9.40 0.87
C ASP A 445 28.70 -8.57 0.33
N GLN A 446 27.50 -9.11 0.43
CA GLN A 446 26.31 -8.43 -0.08
C GLN A 446 25.91 -7.23 0.75
N SER A 447 26.04 -7.32 2.07
CA SER A 447 25.91 -6.18 2.99
C SER A 447 26.78 -5.00 2.57
N ARG A 448 28.02 -5.30 2.19
CA ARG A 448 28.99 -4.28 1.80
C ARG A 448 28.66 -3.76 0.39
N GLU A 449 28.27 -4.67 -0.50
CA GLU A 449 27.79 -4.27 -1.82
C GLU A 449 26.60 -3.27 -1.72
N MET A 450 25.68 -3.52 -0.79
CA MET A 450 24.52 -2.66 -0.54
C MET A 450 24.83 -1.44 0.37
N LYS A 451 26.11 -1.28 0.70
CA LYS A 451 26.61 -0.14 1.48
C LYS A 451 25.88 0.09 2.80
N TYR A 452 25.65 -1.00 3.54
CA TYR A 452 25.10 -0.90 4.89
C TYR A 452 25.97 -0.04 5.79
N GLN A 453 25.30 0.76 6.60
CA GLN A 453 25.93 1.47 7.69
C GLN A 453 26.40 0.48 8.78
N SER A 454 27.19 0.98 9.72
CA SER A 454 27.76 0.14 10.77
C SER A 454 26.72 -0.35 11.80
N LEU A 455 27.10 -1.37 12.56
CA LEU A 455 26.32 -1.87 13.72
C LEU A 455 25.83 -0.78 14.68
N ASN A 456 26.75 0.10 15.08
CA ASN A 456 26.42 1.16 16.02
C ASN A 456 25.42 2.18 15.47
N GLU A 457 25.48 2.47 14.17
CA GLU A 457 24.43 3.30 13.52
C GLU A 457 23.06 2.62 13.59
N TYR A 458 23.01 1.32 13.31
CA TYR A 458 21.77 0.57 13.42
C TYR A 458 21.26 0.47 14.86
N ARG A 459 22.18 0.29 15.82
CA ARG A 459 21.83 0.33 17.24
C ARG A 459 21.18 1.67 17.61
N LYS A 460 21.82 2.78 17.26
CA LYS A 460 21.23 4.12 17.49
C LYS A 460 19.86 4.31 16.80
N ARG A 461 19.76 3.88 15.55
CA ARG A 461 18.51 3.99 14.78
C ARG A 461 17.33 3.30 15.52
N PHE A 462 17.64 2.24 16.25
CA PHE A 462 16.64 1.48 17.00
C PHE A 462 16.69 1.76 18.50
N SER A 463 17.15 2.98 18.82
CA SER A 463 17.36 3.49 20.20
C SER A 463 18.08 2.61 21.20
N LEU A 464 19.13 1.95 20.75
CA LEU A 464 20.04 1.26 21.66
C LEU A 464 21.29 2.12 21.79
N LYS A 465 21.95 2.02 22.94
CA LYS A 465 23.23 2.67 23.13
C LYS A 465 24.26 1.97 22.23
N PRO A 466 25.12 2.75 21.56
CA PRO A 466 26.21 2.13 20.78
C PRO A 466 27.16 1.31 21.67
N TYR A 467 27.70 0.23 21.13
CA TYR A 467 28.74 -0.54 21.81
C TYR A 467 30.05 0.29 21.87
N THR A 468 30.72 0.28 23.03
CA THR A 468 31.94 1.07 23.20
C THR A 468 33.25 0.27 23.06
N SER A 469 33.14 -1.06 23.03
CA SER A 469 34.31 -1.93 22.79
C SER A 469 33.87 -3.26 22.17
N PHE A 470 34.81 -4.00 21.59
CA PHE A 470 34.49 -5.35 21.05
C PHE A 470 34.21 -6.36 22.16
N GLU A 471 34.83 -6.16 23.33
CA GLU A 471 34.55 -7.02 24.50
C GLU A 471 33.13 -6.83 25.04
N GLU A 472 32.64 -5.59 24.99
CA GLU A 472 31.26 -5.30 25.38
C GLU A 472 30.29 -5.97 24.40
N LEU A 473 30.60 -5.93 23.10
CA LEU A 473 29.80 -6.64 22.09
C LEU A 473 29.71 -8.16 22.36
N THR A 474 30.86 -8.82 22.53
CA THR A 474 30.90 -10.30 22.61
C THR A 474 30.71 -10.86 24.03
N GLY A 475 31.06 -10.08 25.04
CA GLY A 475 31.01 -10.57 26.42
C GLY A 475 32.16 -11.51 26.75
N GLU A 476 33.16 -11.56 25.86
CA GLU A 476 34.34 -12.41 26.06
C GLU A 476 35.60 -11.72 25.55
N LYS A 477 36.74 -12.41 25.59
CA LYS A 477 38.02 -11.74 25.29
C LYS A 477 38.60 -12.15 23.94
N GLU A 478 38.51 -13.43 23.61
CA GLU A 478 39.23 -13.99 22.47
C GLU A 478 38.67 -13.55 21.11
N MET A 479 37.36 -13.66 20.91
CA MET A 479 36.76 -13.21 19.65
C MET A 479 36.85 -11.70 19.57
N ALA A 480 36.67 -11.04 20.71
CA ALA A 480 36.80 -9.59 20.79
C ALA A 480 38.15 -9.12 20.29
N ALA A 481 39.22 -9.84 20.64
CA ALA A 481 40.58 -9.47 20.21
C ALA A 481 40.78 -9.74 18.72
N GLU A 482 40.24 -10.85 18.22
CA GLU A 482 40.29 -11.09 16.77
C GLU A 482 39.61 -9.93 16.01
N LEU A 483 38.46 -9.49 16.51
CA LEU A 483 37.67 -8.42 15.85
C LEU A 483 38.34 -7.05 15.92
N LYS A 484 38.97 -6.77 17.06
CA LYS A 484 39.69 -5.52 17.25
C LYS A 484 40.84 -5.44 16.24
N ALA A 485 41.53 -6.55 16.03
CA ALA A 485 42.60 -6.61 15.05
C ALA A 485 42.09 -6.48 13.62
N LEU A 486 40.90 -7.03 13.35
CA LEU A 486 40.29 -6.97 12.02
C LEU A 486 39.71 -5.59 11.66
N TYR A 487 39.00 -4.97 12.61
CA TYR A 487 38.18 -3.77 12.35
C TYR A 487 38.75 -2.43 12.88
N SER A 488 39.73 -2.53 13.81
CA SER A 488 40.33 -1.39 14.53
C SER A 488 39.39 -0.63 15.45
N ASP A 489 38.19 -0.33 14.97
CA ASP A 489 37.28 0.56 15.66
C ASP A 489 35.90 -0.09 15.77
N ILE A 490 35.35 -0.12 16.98
CA ILE A 490 34.01 -0.67 17.24
C ILE A 490 32.90 0.05 16.43
N ASP A 491 33.17 1.30 16.04
CA ASP A 491 32.22 2.08 15.28
C ASP A 491 32.11 1.71 13.80
N VAL A 492 33.01 0.86 13.31
CA VAL A 492 32.92 0.36 11.93
C VAL A 492 32.66 -1.15 11.85
N MET A 493 32.46 -1.77 13.02
CA MET A 493 32.00 -3.17 13.07
C MET A 493 30.69 -3.28 12.28
N GLU A 494 30.58 -4.34 11.48
CA GLU A 494 29.44 -4.55 10.59
C GLU A 494 28.28 -5.27 11.30
N LEU A 495 27.06 -5.04 10.81
CA LEU A 495 25.83 -5.54 11.44
C LEU A 495 25.71 -7.06 11.42
N TYR A 496 25.82 -7.68 10.25
CA TYR A 496 25.57 -9.13 10.16
C TYR A 496 26.55 -9.96 11.03
N PRO A 497 27.87 -9.77 10.89
CA PRO A 497 28.73 -10.57 11.78
C PRO A 497 28.52 -10.26 13.26
N ALA A 498 28.18 -9.02 13.61
CA ALA A 498 27.93 -8.65 15.02
C ALA A 498 26.75 -9.41 15.60
N LEU A 499 25.69 -9.56 14.80
CA LEU A 499 24.52 -10.31 15.23
C LEU A 499 24.87 -11.74 15.61
N LEU A 500 25.82 -12.35 14.91
CA LEU A 500 26.19 -13.73 15.18
C LEU A 500 27.26 -13.92 16.27
N VAL A 501 28.00 -12.87 16.62
CA VAL A 501 29.00 -12.98 17.71
C VAL A 501 28.55 -12.33 19.01
N GLU A 502 27.45 -11.57 18.95
CA GLU A 502 26.94 -10.83 20.11
C GLU A 502 26.75 -11.74 21.32
N LYS A 503 27.12 -11.21 22.48
CA LYS A 503 26.78 -11.84 23.74
C LYS A 503 25.28 -12.12 23.78
N PRO A 504 24.89 -13.40 23.95
CA PRO A 504 23.46 -13.67 24.04
C PRO A 504 22.92 -13.22 25.39
N ARG A 505 21.61 -12.97 25.44
CA ARG A 505 20.87 -12.88 26.70
C ARG A 505 21.08 -14.17 27.46
N PRO A 506 20.96 -14.14 28.81
CA PRO A 506 21.21 -15.34 29.62
C PRO A 506 20.43 -16.55 29.15
N ASP A 507 21.15 -17.62 28.81
CA ASP A 507 20.56 -18.86 28.33
C ASP A 507 19.65 -18.66 27.12
N ALA A 508 19.96 -17.67 26.30
CA ALA A 508 19.10 -17.34 25.16
C ALA A 508 19.76 -17.66 23.83
N ILE A 509 18.94 -17.74 22.78
CA ILE A 509 19.41 -18.00 21.43
C ILE A 509 20.02 -16.75 20.78
N PHE A 510 19.52 -15.57 21.16
CA PHE A 510 19.88 -14.27 20.55
C PHE A 510 20.44 -13.27 21.55
N GLY A 511 21.18 -12.30 21.04
CA GLY A 511 21.58 -11.13 21.83
C GLY A 511 20.62 -9.97 21.60
N GLU A 512 20.92 -8.87 22.29
CA GLU A 512 20.07 -7.68 22.29
C GLU A 512 19.76 -7.12 20.90
N THR A 513 20.79 -7.04 20.06
CA THR A 513 20.64 -6.39 18.76
C THR A 513 19.67 -7.16 17.86
N MET A 514 19.72 -8.49 17.90
CA MET A 514 18.79 -9.30 17.12
C MET A 514 17.34 -8.99 17.45
N VAL A 515 17.04 -8.94 18.76
CA VAL A 515 15.68 -8.75 19.25
C VAL A 515 15.15 -7.34 19.00
N GLU A 516 15.96 -6.33 19.33
CA GLU A 516 15.49 -4.94 19.23
C GLU A 516 15.32 -4.45 17.80
N LEU A 517 16.02 -5.05 16.85
CA LEU A 517 15.79 -4.77 15.43
C LEU A 517 14.71 -5.68 14.85
N GLY A 518 14.81 -6.96 15.17
CA GLY A 518 13.93 -7.97 14.57
C GLY A 518 12.47 -7.86 14.97
N ALA A 519 12.22 -7.54 16.24
CA ALA A 519 10.84 -7.50 16.74
C ALA A 519 10.01 -6.39 16.08
N PRO A 520 10.57 -5.16 15.91
CA PRO A 520 9.87 -4.12 15.13
C PRO A 520 9.48 -4.56 13.70
N PHE A 521 10.43 -5.09 12.92
CA PHE A 521 10.13 -5.54 11.56
C PHE A 521 9.10 -6.68 11.53
N SER A 522 9.22 -7.60 12.49
CA SER A 522 8.35 -8.77 12.54
CA SER A 522 8.36 -8.78 12.57
C SER A 522 6.90 -8.42 12.84
N LEU A 523 6.69 -7.69 13.93
CA LEU A 523 5.34 -7.37 14.38
C LEU A 523 4.64 -6.45 13.41
N LYS A 524 5.39 -5.50 12.87
CA LYS A 524 4.89 -4.62 11.85
C LYS A 524 4.38 -5.42 10.66
N GLY A 525 5.18 -6.38 10.19
CA GLY A 525 4.80 -7.19 9.03
C GLY A 525 3.69 -8.22 9.30
N LEU A 526 3.50 -8.58 10.56
CA LEU A 526 2.41 -9.50 10.94
C LEU A 526 1.09 -8.74 11.08
N MET A 527 1.10 -7.63 11.81
CA MET A 527 -0.12 -6.86 11.99
C MET A 527 -0.49 -5.96 10.80
N GLY A 528 0.48 -5.62 9.96
N GLY A 528 0.51 -5.64 9.97
CA GLY A 528 0.23 -4.70 8.82
CA GLY A 528 0.34 -4.77 8.80
C GLY A 528 -0.68 -5.29 7.74
C GLY A 528 -0.06 -5.53 7.56
N ASN A 529 -0.83 -6.60 7.76
CA ASN A 529 -1.52 -7.35 6.72
C ASN A 529 -2.99 -6.86 6.60
N PRO A 530 -3.56 -6.81 5.38
CA PRO A 530 -4.94 -6.29 5.33
C PRO A 530 -5.97 -7.10 6.11
N ILE A 531 -5.71 -8.39 6.37
CA ILE A 531 -6.72 -9.19 7.09
C ILE A 531 -6.89 -8.76 8.56
N CYS A 532 -5.89 -8.03 9.07
CA CYS A 532 -5.93 -7.46 10.41
C CYS A 532 -6.69 -6.12 10.48
N SER A 533 -7.01 -5.55 9.32
CA SER A 533 -7.71 -4.27 9.25
C SER A 533 -9.19 -4.41 9.67
N PRO A 534 -9.79 -3.33 10.23
CA PRO A 534 -11.16 -3.49 10.72
C PRO A 534 -12.17 -3.91 9.64
N GLN A 535 -11.95 -3.53 8.39
CA GLN A 535 -12.91 -3.93 7.35
C GLN A 535 -12.77 -5.39 6.90
N TYR A 536 -11.62 -6.01 7.13
CA TYR A 536 -11.43 -7.46 6.85
C TYR A 536 -11.68 -8.38 8.07
N TRP A 537 -11.33 -7.92 9.27
CA TRP A 537 -11.40 -8.79 10.46
C TRP A 537 -12.84 -8.99 10.96
N LYS A 538 -13.58 -9.85 10.25
CA LYS A 538 -15.02 -10.06 10.44
C LYS A 538 -15.27 -11.48 9.97
N PRO A 539 -16.23 -12.19 10.60
CA PRO A 539 -16.47 -13.59 10.21
C PRO A 539 -16.81 -13.78 8.71
N SER A 540 -17.61 -12.87 8.14
CA SER A 540 -17.95 -12.96 6.71
C SER A 540 -16.75 -13.00 5.77
N THR A 541 -15.62 -12.40 6.16
CA THR A 541 -14.41 -12.44 5.34
C THR A 541 -13.93 -13.87 5.17
N PHE A 542 -14.14 -14.68 6.22
CA PHE A 542 -13.61 -16.05 6.29
C PHE A 542 -14.70 -17.11 6.08
N GLY A 543 -15.79 -16.74 5.44
CA GLY A 543 -16.83 -17.74 5.16
C GLY A 543 -17.82 -17.96 6.30
N GLY A 544 -17.74 -17.09 7.32
CA GLY A 544 -18.64 -17.18 8.46
C GLY A 544 -17.89 -17.66 9.70
N GLU A 545 -18.67 -17.97 10.74
CA GLU A 545 -18.12 -18.29 12.05
C GLU A 545 -17.15 -19.44 11.97
N VAL A 546 -17.48 -20.44 11.15
CA VAL A 546 -16.68 -21.65 11.04
C VAL A 546 -15.27 -21.36 10.52
N GLY A 547 -15.17 -20.54 9.47
CA GLY A 547 -13.86 -20.15 8.96
C GLY A 547 -13.08 -19.32 9.98
N PHE A 548 -13.76 -18.36 10.59
CA PHE A 548 -13.20 -17.54 11.66
C PHE A 548 -12.67 -18.37 12.81
N LYS A 549 -13.43 -19.39 13.21
CA LYS A 549 -13.02 -20.26 14.31
C LYS A 549 -11.77 -21.11 13.97
N ILE A 550 -11.57 -21.43 12.70
CA ILE A 550 -10.36 -22.16 12.30
C ILE A 550 -9.09 -21.36 12.66
N ILE A 551 -9.12 -20.04 12.42
CA ILE A 551 -8.02 -19.15 12.81
C ILE A 551 -7.92 -19.12 14.33
N ASN A 552 -9.08 -19.05 14.98
CA ASN A 552 -9.20 -18.79 16.41
C ASN A 552 -8.46 -19.83 17.24
N THR A 553 -8.49 -21.08 16.81
CA THR A 553 -7.86 -22.15 17.56
C THR A 553 -6.57 -22.67 16.95
N ALA A 554 -6.10 -22.06 15.85
CA ALA A 554 -4.91 -22.58 15.16
C ALA A 554 -3.66 -22.57 16.05
N SER A 555 -2.88 -23.64 15.95
CA SER A 555 -1.59 -23.71 16.62
C SER A 555 -0.66 -24.62 15.84
N ILE A 556 0.63 -24.57 16.14
CA ILE A 556 1.56 -25.50 15.50
C ILE A 556 1.13 -26.97 15.76
N GLN A 557 0.59 -27.25 16.95
CA GLN A 557 0.15 -28.61 17.30
C GLN A 557 -1.06 -29.05 16.45
N SER A 558 -2.02 -28.14 16.26
CA SER A 558 -3.26 -28.49 15.54
C SER A 558 -2.97 -28.65 14.06
N LEU A 559 -2.08 -27.80 13.54
CA LEU A 559 -1.60 -27.90 12.17
C LEU A 559 -1.04 -29.30 11.83
N ILE A 560 -0.19 -29.82 12.70
CA ILE A 560 0.41 -31.13 12.50
C ILE A 560 -0.64 -32.21 12.78
N CYS A 561 -1.39 -32.06 13.86
CA CYS A 561 -2.41 -33.04 14.22
C CYS A 561 -3.46 -33.28 13.11
N ASN A 562 -3.88 -32.20 12.45
CA ASN A 562 -4.92 -32.29 11.44
C ASN A 562 -4.43 -32.83 10.09
N ASN A 563 -3.13 -32.73 9.85
CA ASN A 563 -2.60 -32.98 8.50
C ASN A 563 -1.50 -34.05 8.43
N VAL A 564 -1.17 -34.65 9.57
CA VAL A 564 -0.12 -35.69 9.62
C VAL A 564 -0.70 -36.94 10.26
N LYS A 565 -0.63 -38.07 9.54
CA LYS A 565 -1.15 -39.37 10.00
C LYS A 565 -0.71 -39.71 11.43
N GLY A 566 -1.66 -40.14 12.26
CA GLY A 566 -1.35 -40.45 13.67
C GLY A 566 -1.34 -39.28 14.64
N CYS A 567 -1.47 -38.05 14.16
CA CYS A 567 -1.49 -36.85 15.02
C CYS A 567 -0.34 -36.84 16.08
N PRO A 568 0.92 -36.90 15.59
CA PRO A 568 2.07 -36.90 16.51
C PRO A 568 2.14 -35.60 17.31
N PHE A 569 2.66 -35.69 18.53
CA PHE A 569 2.94 -34.48 19.30
C PHE A 569 4.04 -33.67 18.62
N THR A 570 3.90 -32.36 18.66
CA THR A 570 4.98 -31.52 18.20
C THR A 570 5.00 -30.23 19.00
N SER A 571 6.10 -29.49 18.84
CA SER A 571 6.25 -28.16 19.38
C SER A 571 7.59 -27.63 18.87
N PHE A 572 7.89 -26.38 19.22
CA PHE A 572 9.08 -25.69 18.76
C PHE A 572 10.29 -25.89 19.69
N ASN A 573 10.06 -26.48 20.86
CA ASN A 573 11.17 -26.81 21.75
C ASN A 573 11.36 -28.33 21.87
N VAL A 574 12.60 -28.76 22.05
CA VAL A 574 12.90 -30.19 22.16
C VAL A 574 12.15 -30.87 23.32
N GLN A 575 12.13 -30.23 24.49
CA GLN A 575 11.38 -30.71 25.68
C GLN A 575 11.47 -29.69 26.82
N HIS B 24 -31.19 -18.41 -7.77
CA HIS B 24 -30.30 -17.19 -7.84
C HIS B 24 -29.60 -16.90 -6.52
N HIS B 25 -28.55 -16.08 -6.55
CA HIS B 25 -27.81 -15.70 -5.34
C HIS B 25 -28.76 -15.15 -4.27
N PRO B 26 -28.66 -15.68 -3.03
CA PRO B 26 -29.58 -15.24 -1.96
C PRO B 26 -29.43 -13.77 -1.53
N CYS B 27 -28.30 -13.15 -1.84
CA CYS B 27 -28.07 -11.73 -1.53
C CYS B 27 -28.56 -10.74 -2.62
N CYS B 28 -29.11 -11.25 -3.72
CA CYS B 28 -29.59 -10.40 -4.83
C CYS B 28 -30.44 -9.20 -4.40
N SER B 29 -31.29 -9.36 -3.37
CA SER B 29 -32.15 -8.26 -2.90
C SER B 29 -31.44 -7.18 -2.08
N ASN B 30 -30.13 -7.34 -1.84
CA ASN B 30 -29.36 -6.46 -0.95
C ASN B 30 -30.02 -6.28 0.42
N PRO B 31 -30.23 -7.41 1.14
CA PRO B 31 -30.99 -7.32 2.39
C PRO B 31 -30.27 -6.63 3.53
N CYS B 32 -28.95 -6.73 3.58
CA CYS B 32 -28.20 -6.18 4.73
C CYS B 32 -28.08 -4.65 4.65
N GLN B 33 -28.47 -3.97 5.72
CA GLN B 33 -28.48 -2.52 5.77
C GLN B 33 -27.30 -1.98 6.60
N ASN B 34 -27.05 -0.68 6.46
CA ASN B 34 -26.11 0.06 7.33
C ASN B 34 -24.66 -0.46 7.33
N ARG B 35 -24.19 -0.85 6.14
CA ARG B 35 -22.83 -1.35 5.89
C ARG B 35 -22.61 -2.79 6.37
N GLY B 36 -23.69 -3.52 6.65
CA GLY B 36 -23.62 -4.94 6.99
C GLY B 36 -23.24 -5.74 5.74
N GLU B 37 -22.50 -6.83 5.90
CA GLU B 37 -22.05 -7.61 4.74
C GLU B 37 -22.98 -8.80 4.55
N CYS B 38 -23.37 -9.09 3.32
CA CYS B 38 -24.23 -10.23 3.03
C CYS B 38 -23.39 -11.44 2.61
N MET B 39 -23.77 -12.63 3.06
CA MET B 39 -23.11 -13.89 2.69
CA MET B 39 -23.13 -13.86 2.60
C MET B 39 -24.15 -14.98 2.51
N SER B 40 -24.09 -15.74 1.43
CA SER B 40 -25.00 -16.87 1.26
C SER B 40 -24.69 -17.95 2.30
N THR B 41 -25.73 -18.64 2.76
CA THR B 41 -25.57 -19.80 3.65
C THR B 41 -26.48 -20.90 3.13
N GLY B 42 -25.98 -21.68 2.17
CA GLY B 42 -26.83 -22.62 1.44
C GLY B 42 -27.41 -21.93 0.22
N PHE B 43 -28.19 -22.67 -0.56
CA PHE B 43 -28.67 -22.19 -1.86
C PHE B 43 -29.68 -21.03 -1.82
N ASP B 44 -30.52 -20.99 -0.79
CA ASP B 44 -31.59 -19.99 -0.77
C ASP B 44 -31.68 -19.20 0.55
N GLN B 45 -30.57 -19.03 1.24
CA GLN B 45 -30.54 -18.31 2.52
C GLN B 45 -29.27 -17.46 2.62
N TYR B 46 -29.35 -16.40 3.41
CA TYR B 46 -28.24 -15.49 3.61
C TYR B 46 -28.10 -15.23 5.11
N LYS B 47 -26.93 -14.73 5.50
CA LYS B 47 -26.71 -14.16 6.82
C LYS B 47 -26.02 -12.81 6.64
N CYS B 48 -26.36 -11.85 7.48
CA CYS B 48 -25.70 -10.56 7.49
C CYS B 48 -24.64 -10.51 8.56
N ASP B 49 -23.49 -9.92 8.25
CA ASP B 49 -22.44 -9.65 9.22
C ASP B 49 -22.52 -8.19 9.61
N CYS B 50 -22.98 -7.95 10.83
CA CYS B 50 -23.25 -6.60 11.32
C CYS B 50 -22.09 -6.04 12.13
N THR B 51 -20.93 -6.69 12.07
CA THR B 51 -19.77 -6.28 12.88
C THR B 51 -19.42 -4.80 12.67
N ARG B 52 -19.34 -4.07 13.79
CA ARG B 52 -18.99 -2.65 13.83
C ARG B 52 -19.88 -1.70 13.03
N THR B 53 -21.06 -2.16 12.62
CA THR B 53 -22.01 -1.27 11.95
C THR B 53 -22.72 -0.34 12.94
N GLY B 54 -22.78 -0.72 14.22
CA GLY B 54 -23.57 0.01 15.21
C GLY B 54 -25.02 -0.44 15.20
N PHE B 55 -25.30 -1.47 14.41
CA PHE B 55 -26.64 -2.08 14.34
C PHE B 55 -26.58 -3.59 14.57
N TYR B 56 -27.72 -4.18 14.89
CA TYR B 56 -27.83 -5.62 14.98
C TYR B 56 -29.20 -6.05 14.44
N GLY B 57 -29.57 -7.31 14.66
CA GLY B 57 -30.79 -7.88 14.07
C GLY B 57 -30.49 -8.55 12.75
N GLU B 58 -31.46 -9.28 12.21
CA GLU B 58 -31.28 -10.09 10.99
C GLU B 58 -30.67 -9.34 9.77
N ASN B 59 -31.12 -8.10 9.51
CA ASN B 59 -30.65 -7.32 8.35
C ASN B 59 -29.88 -6.08 8.78
N CYS B 60 -29.32 -6.13 9.99
CA CYS B 60 -28.60 -5.02 10.63
C CYS B 60 -29.41 -3.71 10.64
N THR B 61 -30.67 -3.79 11.07
CA THR B 61 -31.55 -2.61 11.06
C THR B 61 -31.94 -2.08 12.46
N THR B 62 -31.58 -2.83 13.51
CA THR B 62 -31.87 -2.41 14.89
C THR B 62 -30.69 -1.68 15.49
N PRO B 63 -30.86 -0.38 15.77
CA PRO B 63 -29.74 0.44 16.22
C PRO B 63 -29.38 0.16 17.67
N GLU B 64 -28.09 0.17 17.98
CA GLU B 64 -27.66 0.19 19.38
C GLU B 64 -28.02 1.54 20.00
N PHE B 65 -27.99 1.64 21.32
CA PHE B 65 -28.43 2.88 21.97
C PHE B 65 -27.61 4.12 21.59
N LEU B 66 -26.27 4.00 21.62
CA LEU B 66 -25.39 5.10 21.23
C LEU B 66 -25.67 5.54 19.79
N THR B 67 -25.99 4.57 18.94
CA THR B 67 -26.32 4.80 17.52
C THR B 67 -27.60 5.62 17.37
N ARG B 68 -28.60 5.35 18.22
CA ARG B 68 -29.85 6.14 18.24
C ARG B 68 -29.54 7.60 18.51
N ILE B 69 -28.67 7.83 19.50
CA ILE B 69 -28.22 9.16 19.90
C ILE B 69 -27.46 9.83 18.76
N LYS B 70 -26.55 9.08 18.13
CA LYS B 70 -25.77 9.60 17.01
C LYS B 70 -26.70 10.00 15.87
N LEU B 71 -27.69 9.16 15.58
CA LEU B 71 -28.64 9.44 14.51
C LEU B 71 -29.47 10.69 14.82
N LEU B 72 -29.81 10.87 16.10
CA LEU B 72 -30.53 12.05 16.57
C LEU B 72 -29.65 13.30 16.46
N LEU B 73 -28.39 13.19 16.89
CA LEU B 73 -27.48 14.34 16.96
C LEU B 73 -26.61 14.55 15.71
N LYS B 74 -27.09 14.09 14.55
CA LYS B 74 -26.35 14.24 13.30
C LYS B 74 -27.11 15.09 12.27
N PRO B 75 -26.53 16.23 11.87
CA PRO B 75 -27.14 17.13 10.88
C PRO B 75 -27.14 16.53 9.47
N THR B 76 -28.13 16.88 8.66
CA THR B 76 -28.19 16.39 7.28
C THR B 76 -27.13 17.08 6.39
N PRO B 77 -26.68 16.39 5.32
CA PRO B 77 -25.77 17.05 4.39
C PRO B 77 -26.27 18.43 3.91
N ASN B 78 -27.57 18.56 3.63
CA ASN B 78 -28.12 19.84 3.17
C ASN B 78 -28.14 20.95 4.23
N THR B 79 -28.32 20.59 5.49
CA THR B 79 -28.15 21.49 6.63
C THR B 79 -26.71 22.00 6.73
N VAL B 80 -25.75 21.09 6.74
CA VAL B 80 -24.33 21.42 6.80
C VAL B 80 -23.92 22.29 5.60
N HIS B 81 -24.41 21.96 4.43
CA HIS B 81 -24.15 22.76 3.23
C HIS B 81 -24.69 24.18 3.38
N TYR B 82 -25.90 24.31 3.92
CA TYR B 82 -26.48 25.63 4.17
C TYR B 82 -25.57 26.46 5.06
N ILE B 83 -25.13 25.86 6.17
CA ILE B 83 -24.30 26.54 7.15
C ILE B 83 -22.99 27.03 6.51
N LEU B 84 -22.36 26.17 5.72
CA LEU B 84 -21.10 26.47 5.06
C LEU B 84 -21.22 27.50 3.93
N THR B 85 -22.42 27.68 3.39
CA THR B 85 -22.62 28.62 2.28
C THR B 85 -23.39 29.88 2.66
N HIS B 86 -23.60 30.08 3.97
CA HIS B 86 -24.18 31.31 4.50
C HIS B 86 -23.30 31.81 5.64
N PHE B 87 -23.75 32.88 6.29
CA PHE B 87 -23.05 33.48 7.41
C PHE B 87 -21.65 33.93 7.05
N LYS B 88 -21.51 34.54 5.88
CA LYS B 88 -20.22 34.98 5.35
C LYS B 88 -19.39 35.73 6.39
N GLY B 89 -20.05 36.57 7.18
CA GLY B 89 -19.41 37.36 8.22
C GLY B 89 -18.82 36.56 9.36
N VAL B 90 -19.49 35.46 9.74
CA VAL B 90 -18.99 34.54 10.76
C VAL B 90 -17.75 33.76 10.25
N TRP B 91 -17.81 33.29 9.01
CA TRP B 91 -16.70 32.57 8.41
C TRP B 91 -15.46 33.45 8.20
N ASN B 92 -15.70 34.73 7.89
CA ASN B 92 -14.63 35.73 7.86
C ASN B 92 -13.84 35.75 9.18
N ILE B 93 -14.54 35.68 10.31
CA ILE B 93 -13.90 35.54 11.61
C ILE B 93 -13.16 34.21 11.75
N VAL B 94 -13.88 33.10 11.54
CA VAL B 94 -13.31 31.76 11.63
C VAL B 94 -12.01 31.61 10.82
N ASN B 95 -12.04 32.06 9.57
CA ASN B 95 -10.89 31.97 8.66
C ASN B 95 -9.65 32.73 9.12
N ASN B 96 -9.80 33.61 10.10
CA ASN B 96 -8.69 34.41 10.63
C ASN B 96 -8.23 34.02 12.03
N ILE B 97 -8.80 32.94 12.56
CA ILE B 97 -8.37 32.35 13.82
C ILE B 97 -7.73 31.00 13.46
N PRO B 98 -6.40 30.98 13.30
CA PRO B 98 -5.69 29.76 12.86
C PRO B 98 -6.18 28.51 13.60
N PHE B 99 -6.29 28.58 14.93
CA PHE B 99 -6.75 27.45 15.73
C PHE B 99 -8.13 26.91 15.30
N LEU B 100 -9.06 27.82 15.00
CA LEU B 100 -10.43 27.45 14.63
C LEU B 100 -10.55 26.96 13.20
N ARG B 101 -9.88 27.63 12.27
CA ARG B 101 -9.74 27.12 10.90
C ARG B 101 -9.21 25.68 10.93
N SER B 102 -8.17 25.44 11.73
CA SER B 102 -7.58 24.09 11.86
C SER B 102 -8.54 23.02 12.39
N LEU B 103 -9.33 23.39 13.40
CA LEU B 103 -10.29 22.47 14.01
C LEU B 103 -11.36 22.02 13.03
N ILE B 104 -11.92 22.98 12.28
CA ILE B 104 -12.96 22.69 11.30
C ILE B 104 -12.41 21.85 10.15
N MET B 105 -11.23 22.21 9.65
CA MET B 105 -10.60 21.44 8.57
C MET B 105 -10.33 20.02 9.01
N LYS B 106 -9.88 19.85 10.26
CA LYS B 106 -9.67 18.54 10.86
C LYS B 106 -10.92 17.66 10.77
N TYR B 107 -12.07 18.23 11.10
CA TYR B 107 -13.34 17.50 11.08
C TYR B 107 -13.82 17.19 9.66
N VAL B 108 -13.65 18.14 8.74
CA VAL B 108 -13.93 17.92 7.32
C VAL B 108 -13.22 16.67 6.81
N LEU B 109 -11.93 16.54 7.14
CA LEU B 109 -11.10 15.44 6.63
C LEU B 109 -11.42 14.07 7.24
N THR B 110 -11.70 14.04 8.54
CA THR B 110 -11.87 12.76 9.24
C THR B 110 -13.22 12.13 8.95
N SER B 111 -14.27 12.93 9.06
CA SER B 111 -15.65 12.49 8.79
C SER B 111 -15.86 12.01 7.33
N ARG B 112 -15.19 12.64 6.38
CA ARG B 112 -15.25 12.18 4.98
C ARG B 112 -14.54 10.84 4.79
N SER B 113 -13.29 10.78 5.22
CA SER B 113 -12.43 9.64 4.90
C SER B 113 -12.88 8.27 5.45
N TYR B 114 -13.58 8.25 6.59
CA TYR B 114 -14.06 6.99 7.20
C TYR B 114 -15.11 6.21 6.37
N LEU B 115 -15.72 6.87 5.39
CA LEU B 115 -16.62 6.20 4.46
C LEU B 115 -15.93 5.26 3.45
N ILE B 116 -14.61 5.36 3.32
CA ILE B 116 -13.87 4.61 2.29
C ILE B 116 -13.16 3.39 2.92
N ASP B 117 -13.32 2.21 2.34
CA ASP B 117 -12.56 1.03 2.81
C ASP B 117 -11.09 1.19 2.42
N SER B 118 -10.21 1.15 3.42
CA SER B 118 -8.78 1.25 3.21
C SER B 118 -8.09 0.46 4.33
N PRO B 119 -7.39 -0.64 4.00
CA PRO B 119 -7.15 -1.29 2.70
C PRO B 119 -8.44 -1.61 1.95
N PRO B 120 -8.40 -1.59 0.60
CA PRO B 120 -9.58 -1.77 -0.24
C PRO B 120 -10.08 -3.23 -0.24
N THR B 121 -11.29 -3.40 -0.76
CA THR B 121 -12.01 -4.67 -0.65
C THR B 121 -12.42 -5.22 -2.03
N TYR B 122 -13.59 -4.85 -2.54
CA TYR B 122 -14.21 -5.51 -3.69
C TYR B 122 -13.68 -5.00 -5.02
N ASN B 123 -13.95 -5.76 -6.09
CA ASN B 123 -13.72 -5.25 -7.46
C ASN B 123 -14.74 -5.86 -8.43
N VAL B 124 -14.63 -5.56 -9.72
CA VAL B 124 -15.60 -6.06 -10.70
C VAL B 124 -15.75 -7.60 -10.68
N HIS B 125 -14.67 -8.31 -10.34
CA HIS B 125 -14.69 -9.78 -10.33
C HIS B 125 -14.88 -10.40 -8.94
N TYR B 126 -14.83 -9.58 -7.89
CA TYR B 126 -14.87 -10.09 -6.51
C TYR B 126 -15.90 -9.34 -5.64
N GLY B 127 -17.04 -10.01 -5.39
CA GLY B 127 -18.09 -9.46 -4.54
C GLY B 127 -17.92 -9.90 -3.10
N TYR B 128 -16.82 -10.61 -2.85
CA TYR B 128 -16.44 -11.04 -1.51
C TYR B 128 -14.96 -10.64 -1.39
N LYS B 129 -14.48 -10.45 -0.17
CA LYS B 129 -13.06 -10.12 0.04
C LYS B 129 -12.16 -11.28 -0.37
N SER B 130 -11.05 -10.96 -1.03
CA SER B 130 -10.10 -11.97 -1.50
C SER B 130 -8.72 -11.38 -1.62
N TRP B 131 -7.72 -12.24 -1.52
CA TRP B 131 -6.34 -11.79 -1.70
C TRP B 131 -6.12 -11.27 -3.12
N GLU B 132 -6.82 -11.87 -4.09
CA GLU B 132 -6.69 -11.43 -5.46
C GLU B 132 -7.15 -9.97 -5.60
N ALA B 133 -8.31 -9.66 -5.02
CA ALA B 133 -8.85 -8.30 -5.06
C ALA B 133 -7.93 -7.31 -4.32
N PHE B 134 -7.45 -7.70 -3.14
CA PHE B 134 -6.51 -6.85 -2.44
C PHE B 134 -5.21 -6.58 -3.21
N SER B 135 -4.59 -7.63 -3.74
CA SER B 135 -3.20 -7.51 -4.20
C SER B 135 -3.08 -7.07 -5.66
N ASN B 136 -4.12 -7.29 -6.47
CA ASN B 136 -3.99 -7.01 -7.90
C ASN B 136 -4.33 -5.54 -8.25
N LEU B 137 -3.28 -4.75 -8.45
CA LEU B 137 -3.37 -3.32 -8.69
C LEU B 137 -3.99 -2.93 -10.06
N SER B 138 -4.10 -3.90 -10.98
CA SER B 138 -4.70 -3.65 -12.29
C SER B 138 -6.19 -3.37 -12.24
N TYR B 139 -6.83 -3.69 -11.12
CA TYR B 139 -8.26 -3.42 -10.98
C TYR B 139 -8.49 -2.05 -10.35
N TYR B 140 -9.53 -1.37 -10.82
CA TYR B 140 -10.20 -0.38 -9.99
C TYR B 140 -10.84 -1.13 -8.81
N THR B 141 -10.85 -0.54 -7.63
CA THR B 141 -11.57 -1.13 -6.53
C THR B 141 -13.07 -0.76 -6.63
N ARG B 142 -13.89 -1.33 -5.75
CA ARG B 142 -15.32 -1.06 -5.78
C ARG B 142 -15.83 -0.72 -4.39
N ALA B 143 -16.55 0.40 -4.31
CA ALA B 143 -17.21 0.82 -3.08
C ALA B 143 -18.40 -0.09 -2.71
N LEU B 144 -19.10 -0.62 -3.71
CA LEU B 144 -20.07 -1.68 -3.50
C LEU B 144 -19.75 -2.87 -4.38
N PRO B 145 -19.99 -4.11 -3.89
CA PRO B 145 -19.73 -5.27 -4.73
C PRO B 145 -20.66 -5.29 -5.93
N PRO B 146 -20.26 -5.95 -7.02
CA PRO B 146 -21.14 -6.06 -8.18
C PRO B 146 -22.42 -6.86 -7.89
N VAL B 147 -23.50 -6.54 -8.60
CA VAL B 147 -24.68 -7.39 -8.59
C VAL B 147 -24.28 -8.78 -9.09
N ALA B 148 -24.76 -9.83 -8.40
CA ALA B 148 -24.41 -11.21 -8.76
C ALA B 148 -24.94 -11.53 -10.17
N ASP B 149 -24.20 -12.37 -10.91
CA ASP B 149 -24.48 -12.70 -12.32
C ASP B 149 -25.84 -13.36 -12.54
N ASP B 150 -26.34 -14.07 -11.54
CA ASP B 150 -27.58 -14.81 -11.70
C ASP B 150 -28.81 -14.15 -11.09
N CYS B 151 -28.72 -12.87 -10.72
CA CYS B 151 -29.88 -12.14 -10.18
C CYS B 151 -31.02 -12.04 -11.21
N PRO B 152 -32.28 -12.20 -10.77
CA PRO B 152 -33.43 -12.19 -11.72
C PRO B 152 -33.66 -10.87 -12.45
N THR B 153 -33.16 -9.77 -11.90
CA THR B 153 -33.24 -8.47 -12.58
C THR B 153 -31.87 -7.80 -12.55
N PRO B 154 -31.63 -6.85 -13.49
CA PRO B 154 -30.30 -6.21 -13.56
C PRO B 154 -29.79 -5.65 -12.23
N MET B 155 -30.68 -5.07 -11.44
CA MET B 155 -30.31 -4.49 -10.15
C MET B 155 -30.40 -5.43 -8.96
N GLY B 156 -30.95 -6.62 -9.16
CA GLY B 156 -31.10 -7.58 -8.06
C GLY B 156 -32.41 -8.33 -8.19
N VAL B 157 -33.44 -7.88 -7.49
CA VAL B 157 -34.77 -8.50 -7.61
C VAL B 157 -35.84 -7.52 -8.10
N LYS B 158 -35.63 -6.22 -7.90
CA LYS B 158 -36.60 -5.18 -8.30
C LYS B 158 -36.51 -4.74 -9.76
N GLY B 159 -37.53 -4.00 -10.21
CA GLY B 159 -37.58 -3.48 -11.57
C GLY B 159 -37.98 -4.52 -12.60
N ASN B 160 -37.91 -4.13 -13.87
CA ASN B 160 -38.21 -5.04 -14.99
C ASN B 160 -37.02 -5.94 -15.31
N LYS B 161 -37.25 -6.97 -16.14
CA LYS B 161 -36.21 -7.94 -16.52
C LYS B 161 -35.07 -7.28 -17.29
N GLU B 162 -35.38 -6.19 -17.98
CA GLU B 162 -34.36 -5.39 -18.69
C GLU B 162 -34.43 -3.94 -18.21
N LEU B 163 -33.26 -3.32 -18.11
CA LEU B 163 -33.16 -1.88 -17.89
C LEU B 163 -33.54 -1.16 -19.19
N PRO B 164 -33.97 0.11 -19.10
CA PRO B 164 -34.28 0.89 -20.31
C PRO B 164 -33.08 0.97 -21.24
N ASP B 165 -33.35 0.97 -22.54
CA ASP B 165 -32.32 1.22 -23.55
C ASP B 165 -31.48 2.44 -23.15
N SER B 166 -30.15 2.28 -23.13
CA SER B 166 -29.26 3.38 -22.76
C SER B 166 -29.43 4.59 -23.68
N LYS B 167 -29.65 4.33 -24.97
CA LYS B 167 -29.90 5.39 -25.96
C LYS B 167 -31.14 6.21 -25.59
N GLU B 168 -32.16 5.52 -25.08
CA GLU B 168 -33.39 6.17 -24.64
C GLU B 168 -33.17 7.09 -23.45
N VAL B 169 -32.49 6.58 -22.43
CA VAL B 169 -32.16 7.37 -21.25
C VAL B 169 -31.36 8.62 -21.66
N LEU B 170 -30.35 8.42 -22.50
CA LEU B 170 -29.46 9.49 -22.94
C LEU B 170 -30.25 10.61 -23.61
N GLU B 171 -31.07 10.24 -24.60
CA GLU B 171 -31.76 11.21 -25.43
C GLU B 171 -32.84 12.00 -24.68
N LYS B 172 -33.53 11.33 -23.77
CA LYS B 172 -34.63 11.96 -23.04
C LYS B 172 -34.17 12.90 -21.93
N VAL B 173 -33.14 12.52 -21.17
CA VAL B 173 -32.81 13.32 -19.98
C VAL B 173 -31.38 13.84 -19.90
N LEU B 174 -30.50 13.34 -20.77
CA LEU B 174 -29.09 13.70 -20.66
C LEU B 174 -28.62 14.70 -21.71
N LEU B 175 -29.07 14.57 -22.96
CA LEU B 175 -28.50 15.37 -24.04
C LEU B 175 -28.88 16.86 -23.97
N ARG B 176 -27.93 17.73 -24.32
CA ARG B 176 -28.09 19.19 -24.28
C ARG B 176 -29.06 19.69 -25.35
N ARG B 177 -30.04 20.48 -24.93
CA ARG B 177 -30.84 21.26 -25.85
C ARG B 177 -30.17 22.66 -25.92
N GLU B 178 -30.58 23.60 -25.09
CA GLU B 178 -29.78 24.83 -24.96
C GLU B 178 -28.69 24.64 -23.90
N PHE B 179 -27.56 25.30 -24.12
CA PHE B 179 -26.44 25.29 -23.19
C PHE B 179 -26.90 25.80 -21.81
N ILE B 180 -26.59 25.07 -20.75
CA ILE B 180 -26.90 25.53 -19.40
C ILE B 180 -25.58 25.87 -18.72
N PRO B 181 -25.31 27.18 -18.52
CA PRO B 181 -24.07 27.62 -17.88
C PRO B 181 -24.03 27.24 -16.40
N ASP B 182 -22.83 27.03 -15.87
CA ASP B 182 -22.70 26.73 -14.45
C ASP B 182 -22.99 28.00 -13.64
N PRO B 183 -23.96 27.94 -12.71
CA PRO B 183 -24.25 29.13 -11.88
C PRO B 183 -23.13 29.50 -10.92
N GLN B 184 -22.24 28.56 -10.60
CA GLN B 184 -21.07 28.87 -9.74
C GLN B 184 -19.96 29.61 -10.50
N GLY B 185 -20.11 29.74 -11.81
CA GLY B 185 -19.16 30.47 -12.63
C GLY B 185 -17.91 29.71 -13.02
N SER B 186 -17.92 28.37 -12.92
CA SER B 186 -16.76 27.56 -13.33
C SER B 186 -16.39 27.89 -14.77
N ASN B 187 -15.09 28.04 -15.01
CA ASN B 187 -14.59 28.38 -16.35
C ASN B 187 -13.86 27.22 -17.05
N MET B 188 -13.26 27.53 -18.20
CA MET B 188 -12.57 26.51 -18.98
C MET B 188 -11.19 26.15 -18.40
N MET B 189 -10.59 27.08 -17.63
CA MET B 189 -9.39 26.74 -16.86
C MET B 189 -9.73 25.63 -15.86
N PHE B 190 -10.90 25.75 -15.22
CA PHE B 190 -11.35 24.74 -14.28
C PHE B 190 -11.62 23.40 -14.99
N ALA B 191 -12.37 23.43 -16.09
CA ALA B 191 -12.75 22.22 -16.80
C ALA B 191 -11.53 21.46 -17.34
N PHE B 192 -10.55 22.18 -17.89
CA PHE B 192 -9.34 21.50 -18.34
C PHE B 192 -8.41 21.05 -17.21
N PHE B 193 -8.42 21.78 -16.09
CA PHE B 193 -7.68 21.33 -14.92
C PHE B 193 -8.25 19.99 -14.41
N ALA B 194 -9.58 19.93 -14.31
CA ALA B 194 -10.27 18.71 -13.89
C ALA B 194 -9.87 17.52 -14.76
N GLN B 195 -9.95 17.70 -16.07
CA GLN B 195 -9.60 16.63 -17.01
C GLN B 195 -8.12 16.22 -16.91
N HIS B 196 -7.23 17.21 -16.93
CA HIS B 196 -5.79 16.96 -16.83
C HIS B 196 -5.42 16.25 -15.52
N PHE B 197 -5.86 16.79 -14.38
CA PHE B 197 -5.58 16.21 -13.07
C PHE B 197 -6.12 14.77 -12.90
N THR B 198 -7.40 14.55 -13.22
CA THR B 198 -8.02 13.24 -12.99
C THR B 198 -7.49 12.15 -13.93
N HIS B 199 -6.92 12.51 -15.07
CA HIS B 199 -6.41 11.53 -16.02
C HIS B 199 -5.05 10.93 -15.66
N GLN B 200 -4.49 11.34 -14.53
CA GLN B 200 -3.37 10.59 -13.95
C GLN B 200 -3.83 9.33 -13.20
N PHE B 201 -5.07 9.34 -12.67
CA PHE B 201 -5.57 8.19 -11.93
C PHE B 201 -6.82 7.50 -12.48
N PHE B 202 -7.49 8.12 -13.45
CA PHE B 202 -8.47 7.38 -14.27
C PHE B 202 -7.87 7.09 -15.64
N LYS B 203 -7.38 5.86 -15.82
CA LYS B 203 -6.65 5.44 -17.03
C LYS B 203 -7.09 4.02 -17.35
N THR B 204 -8.33 3.90 -17.82
CA THR B 204 -9.00 2.62 -17.97
C THR B 204 -8.27 1.77 -19.01
N ASP B 205 -8.04 0.50 -18.69
CA ASP B 205 -7.33 -0.41 -19.55
C ASP B 205 -8.34 -1.08 -20.46
N HIS B 206 -8.68 -0.42 -21.57
CA HIS B 206 -9.69 -0.86 -22.54
CA HIS B 206 -9.75 -0.93 -22.41
C HIS B 206 -9.44 -2.27 -23.09
N LYS B 207 -8.17 -2.67 -23.15
CA LYS B 207 -7.86 -4.01 -23.62
C LYS B 207 -8.32 -5.09 -22.62
N ARG B 208 -8.26 -4.78 -21.31
CA ARG B 208 -8.76 -5.70 -20.30
C ARG B 208 -10.27 -5.53 -20.06
N GLY B 209 -10.74 -4.28 -19.99
CA GLY B 209 -12.16 -4.02 -19.71
C GLY B 209 -12.33 -2.79 -18.84
N PRO B 210 -13.59 -2.31 -18.70
CA PRO B 210 -13.84 -1.05 -17.97
C PRO B 210 -13.50 -1.14 -16.47
N GLY B 211 -13.42 -2.35 -15.94
CA GLY B 211 -13.08 -2.52 -14.52
C GLY B 211 -11.59 -2.50 -14.19
N PHE B 212 -10.75 -2.26 -15.21
CA PHE B 212 -9.30 -2.29 -15.06
C PHE B 212 -8.67 -0.96 -15.35
N THR B 213 -7.57 -0.69 -14.65
CA THR B 213 -6.82 0.56 -14.81
C THR B 213 -5.34 0.32 -15.19
N ARG B 214 -4.74 1.33 -15.80
CA ARG B 214 -3.31 1.36 -16.09
C ARG B 214 -2.58 2.29 -15.13
N GLY B 215 -3.32 2.99 -14.26
CA GLY B 215 -2.70 3.82 -13.23
C GLY B 215 -2.43 3.02 -11.96
N LEU B 216 -1.37 2.21 -11.99
CA LEU B 216 -1.08 1.30 -10.85
C LEU B 216 -0.61 2.02 -9.60
N GLY B 217 -0.26 3.29 -9.73
CA GLY B 217 0.10 4.11 -8.57
C GLY B 217 -1.16 4.51 -7.80
N HIS B 218 -2.32 4.42 -8.44
CA HIS B 218 -3.61 4.68 -7.78
C HIS B 218 -3.71 6.01 -7.02
N GLY B 219 -3.26 7.10 -7.63
CA GLY B 219 -3.37 8.38 -6.96
C GLY B 219 -2.53 9.47 -7.58
N VAL B 220 -2.18 10.46 -6.77
CA VAL B 220 -1.50 11.65 -7.24
C VAL B 220 0.00 11.35 -7.29
N ASP B 221 0.44 10.66 -8.34
CA ASP B 221 1.87 10.42 -8.52
C ASP B 221 2.47 11.25 -9.64
N LEU B 222 1.63 12.04 -10.32
CA LEU B 222 2.02 12.82 -11.51
C LEU B 222 2.57 12.01 -12.68
N ASN B 223 2.11 10.77 -12.83
CA ASN B 223 2.51 9.95 -13.97
C ASN B 223 2.07 10.58 -15.33
N HIS B 224 1.06 11.46 -15.26
CA HIS B 224 0.61 12.17 -16.45
C HIS B 224 1.62 13.24 -16.93
N ILE B 225 2.60 13.55 -16.08
CA ILE B 225 3.75 14.40 -16.45
C ILE B 225 4.99 13.53 -16.70
N TYR B 226 5.26 12.57 -15.80
CA TYR B 226 6.51 11.84 -15.79
C TYR B 226 6.49 10.48 -16.47
N GLY B 227 5.31 9.98 -16.78
CA GLY B 227 5.18 8.64 -17.35
C GLY B 227 4.89 7.61 -16.26
N GLU B 228 4.10 6.61 -16.62
CA GLU B 228 3.71 5.52 -15.73
C GLU B 228 4.87 4.55 -15.48
N THR B 229 5.67 4.26 -16.51
CA THR B 229 6.78 3.31 -16.42
C THR B 229 8.12 4.03 -16.36
N LEU B 230 9.12 3.34 -15.83
CA LEU B 230 10.45 3.91 -15.73
C LEU B 230 11.04 4.18 -17.12
N ASP B 231 10.81 3.25 -18.03
CA ASP B 231 11.15 3.36 -19.46
C ASP B 231 10.67 4.69 -20.05
N ARG B 232 9.40 5.01 -19.83
CA ARG B 232 8.80 6.23 -20.36
C ARG B 232 9.38 7.48 -19.69
N GLN B 233 9.50 7.43 -18.37
CA GLN B 233 10.11 8.54 -17.63
C GLN B 233 11.47 8.85 -18.21
N HIS B 234 12.25 7.80 -18.41
CA HIS B 234 13.62 7.99 -18.88
C HIS B 234 13.72 8.54 -20.31
N LYS B 235 12.74 8.24 -21.15
CA LYS B 235 12.74 8.82 -22.51
C LYS B 235 12.32 10.30 -22.51
N LEU B 236 11.60 10.70 -21.45
CA LEU B 236 11.13 12.06 -21.28
C LEU B 236 12.16 12.95 -20.58
N ARG B 237 13.13 12.37 -19.88
CA ARG B 237 14.07 13.13 -19.06
C ARG B 237 15.29 13.61 -19.84
N LEU B 238 15.78 14.78 -19.47
CA LEU B 238 16.99 15.33 -20.09
C LEU B 238 18.25 14.68 -19.55
N PHE B 239 18.23 14.24 -18.28
CA PHE B 239 19.42 13.75 -17.56
C PHE B 239 20.52 14.83 -17.37
N LYS B 240 20.12 16.08 -17.45
CA LYS B 240 20.94 17.19 -16.98
C LYS B 240 20.07 18.06 -16.08
N ASP B 241 20.63 18.44 -14.93
CA ASP B 241 19.99 19.40 -14.03
C ASP B 241 18.61 19.00 -13.48
N GLY B 242 18.28 17.71 -13.55
CA GLY B 242 17.03 17.18 -13.03
C GLY B 242 15.87 17.31 -14.02
N LYS B 243 16.14 17.89 -15.18
CA LYS B 243 15.09 18.42 -16.04
C LYS B 243 14.40 17.41 -16.96
N LEU B 244 13.24 17.85 -17.46
CA LEU B 244 12.51 17.16 -18.54
C LEU B 244 12.95 17.72 -19.90
N LYS B 245 13.12 16.87 -20.91
CA LYS B 245 13.32 17.31 -22.29
C LYS B 245 12.21 18.31 -22.72
N TYR B 246 12.56 19.18 -23.65
CA TYR B 246 11.64 20.22 -24.14
C TYR B 246 12.09 20.71 -25.50
N GLN B 247 11.24 21.49 -26.15
CA GLN B 247 11.57 22.18 -27.40
C GLN B 247 11.47 23.67 -27.13
N VAL B 248 12.21 24.48 -27.89
CA VAL B 248 11.99 25.92 -27.92
C VAL B 248 11.52 26.31 -29.33
N ILE B 249 10.30 26.84 -29.39
CA ILE B 249 9.68 27.25 -30.66
C ILE B 249 9.22 28.70 -30.53
N GLY B 250 9.81 29.57 -31.36
CA GLY B 250 9.56 31.01 -31.27
C GLY B 250 9.82 31.54 -29.87
N GLY B 251 10.87 31.04 -29.24
CA GLY B 251 11.25 31.49 -27.88
C GLY B 251 10.42 30.93 -26.73
N GLU B 252 9.46 30.05 -27.03
CA GLU B 252 8.61 29.48 -25.97
C GLU B 252 8.94 27.99 -25.74
N VAL B 253 8.90 27.57 -24.48
CA VAL B 253 9.21 26.19 -24.13
C VAL B 253 7.97 25.30 -24.29
N TYR B 254 8.13 24.23 -25.07
CA TYR B 254 7.07 23.25 -25.28
C TYR B 254 7.60 21.83 -25.02
N PRO B 255 6.68 20.86 -24.88
CA PRO B 255 7.15 19.48 -24.75
C PRO B 255 7.94 19.03 -25.99
N PRO B 256 8.77 17.97 -25.84
CA PRO B 256 9.51 17.42 -26.97
C PRO B 256 8.58 16.65 -27.93
N THR B 257 9.11 16.17 -29.05
CA THR B 257 8.30 15.45 -30.03
C THR B 257 8.33 13.94 -29.79
N VAL B 258 7.37 13.24 -30.38
CA VAL B 258 7.35 11.79 -30.41
C VAL B 258 8.60 11.28 -31.18
N LYS B 259 8.95 11.96 -32.28
CA LYS B 259 10.08 11.52 -33.12
C LYS B 259 11.43 11.56 -32.40
N ASP B 260 11.67 12.62 -31.64
CA ASP B 260 12.89 12.79 -30.84
C ASP B 260 13.01 11.81 -29.71
N THR B 261 11.91 11.59 -28.99
CA THR B 261 11.95 10.87 -27.72
C THR B 261 11.62 9.38 -27.84
N GLN B 262 10.89 9.00 -28.88
CA GLN B 262 10.38 7.63 -29.06
C GLN B 262 9.38 7.25 -27.97
N VAL B 263 8.68 8.27 -27.50
CA VAL B 263 7.59 8.11 -26.56
C VAL B 263 6.29 8.04 -27.36
N GLU B 264 5.58 6.92 -27.23
CA GLU B 264 4.26 6.73 -27.86
C GLU B 264 3.19 7.69 -27.37
N MET B 265 2.49 8.29 -28.33
CA MET B 265 1.35 9.17 -28.08
C MET B 265 0.20 8.77 -29.02
N ILE B 266 -1.02 9.07 -28.61
CA ILE B 266 -2.19 8.84 -29.46
C ILE B 266 -2.45 10.07 -30.32
N TYR B 267 -2.04 9.97 -31.58
CA TYR B 267 -2.35 10.96 -32.61
C TYR B 267 -2.89 10.22 -33.83
N PRO B 268 -4.02 10.68 -34.38
CA PRO B 268 -4.49 10.11 -35.64
C PRO B 268 -3.43 10.31 -36.73
N PRO B 269 -3.51 9.54 -37.83
CA PRO B 269 -2.41 9.45 -38.79
C PRO B 269 -2.08 10.74 -39.55
N HIS B 270 -2.96 11.74 -39.50
CA HIS B 270 -2.77 12.95 -40.31
C HIS B 270 -1.99 14.10 -39.64
N ILE B 271 -1.84 14.03 -38.31
CA ILE B 271 -1.11 15.08 -37.57
C ILE B 271 0.38 15.11 -37.93
N PRO B 272 0.90 16.30 -38.25
CA PRO B 272 2.32 16.47 -38.59
C PRO B 272 3.24 16.11 -37.44
N GLU B 273 4.41 15.56 -37.78
CA GLU B 273 5.43 15.11 -36.81
C GLU B 273 5.91 16.22 -35.86
N ASN B 274 6.13 17.42 -36.39
CA ASN B 274 6.52 18.59 -35.60
C ASN B 274 5.58 18.89 -34.44
N LEU B 275 4.30 18.59 -34.64
CA LEU B 275 3.26 18.98 -33.67
C LEU B 275 2.80 17.79 -32.84
N GLN B 276 3.58 16.71 -32.90
CA GLN B 276 3.31 15.53 -32.08
C GLN B 276 4.07 15.60 -30.76
N PHE B 277 3.56 16.42 -29.83
CA PHE B 277 4.20 16.61 -28.55
C PHE B 277 4.11 15.30 -27.75
N ALA B 278 5.20 14.95 -27.06
CA ALA B 278 5.23 13.80 -26.19
C ALA B 278 5.23 14.23 -24.72
N VAL B 279 4.23 13.75 -23.97
CA VAL B 279 4.14 14.03 -22.55
C VAL B 279 3.88 12.74 -21.74
N GLY B 280 3.83 12.86 -20.41
CA GLY B 280 3.64 11.70 -19.54
C GLY B 280 2.44 10.85 -19.89
N GLN B 281 1.30 11.49 -20.14
CA GLN B 281 0.07 10.78 -20.47
C GLN B 281 -0.17 10.71 -21.98
N GLU B 282 -0.27 9.50 -22.52
CA GLU B 282 -0.40 9.31 -23.97
C GLU B 282 -1.65 9.90 -24.66
N VAL B 283 -2.67 10.28 -23.89
CA VAL B 283 -3.90 10.84 -24.49
C VAL B 283 -3.94 12.35 -24.54
N PHE B 284 -2.94 13.02 -23.97
CA PHE B 284 -3.03 14.49 -23.79
C PHE B 284 -2.92 15.29 -25.08
N GLY B 285 -2.46 14.66 -26.16
CA GLY B 285 -2.51 15.29 -27.48
C GLY B 285 -3.91 15.46 -28.04
N LEU B 286 -4.90 14.81 -27.41
CA LEU B 286 -6.28 14.82 -27.90
C LEU B 286 -6.89 16.21 -27.86
N VAL B 287 -6.53 16.98 -26.84
CA VAL B 287 -7.17 18.27 -26.57
C VAL B 287 -6.08 19.31 -26.27
N PRO B 288 -6.07 20.44 -27.00
CA PRO B 288 -5.12 21.53 -26.76
C PRO B 288 -5.21 22.09 -25.32
N GLY B 289 -6.41 22.01 -24.72
CA GLY B 289 -6.58 22.38 -23.31
C GLY B 289 -5.78 21.48 -22.37
N LEU B 290 -5.61 20.21 -22.71
CA LEU B 290 -4.77 19.31 -21.93
C LEU B 290 -3.29 19.58 -22.20
N MET B 291 -2.96 19.80 -23.46
CA MET B 291 -1.60 20.14 -23.84
C MET B 291 -1.13 21.46 -23.22
N MET B 292 -2.06 22.40 -23.04
CA MET B 292 -1.77 23.63 -22.31
C MET B 292 -1.29 23.32 -20.87
N TYR B 293 -2.07 22.55 -20.10
CA TYR B 293 -1.62 22.17 -18.76
C TYR B 293 -0.37 21.28 -18.75
N ALA B 294 -0.26 20.37 -19.72
CA ALA B 294 0.98 19.58 -19.86
C ALA B 294 2.20 20.50 -20.02
N THR B 295 2.05 21.54 -20.81
CA THR B 295 3.14 22.50 -21.07
C THR B 295 3.47 23.32 -19.81
N ILE B 296 2.44 23.83 -19.15
CA ILE B 296 2.62 24.55 -17.91
C ILE B 296 3.36 23.71 -16.86
N TRP B 297 2.91 22.48 -16.64
CA TRP B 297 3.55 21.63 -15.64
C TRP B 297 4.97 21.21 -16.00
N LEU B 298 5.23 21.03 -17.29
CA LEU B 298 6.60 20.77 -17.72
C LEU B 298 7.51 21.96 -17.40
N ARG B 299 7.03 23.17 -17.70
CA ARG B 299 7.78 24.37 -17.39
C ARG B 299 8.01 24.46 -15.88
N GLU B 300 6.99 24.07 -15.11
CA GLU B 300 7.10 24.17 -13.65
C GLU B 300 8.15 23.22 -13.09
N HIS B 301 8.16 21.97 -13.57
CA HIS B 301 9.21 21.05 -13.14
C HIS B 301 10.60 21.62 -13.37
N ASN B 302 10.84 22.08 -14.59
CA ASN B 302 12.13 22.65 -14.95
C ASN B 302 12.49 23.92 -14.16
N ARG B 303 11.48 24.74 -13.83
CA ARG B 303 11.69 25.93 -12.99
C ARG B 303 12.13 25.52 -11.56
N VAL B 304 11.45 24.53 -10.97
CA VAL B 304 11.82 24.00 -9.65
C VAL B 304 13.25 23.39 -9.67
N CYS B 305 13.61 22.73 -10.77
CA CYS B 305 14.99 22.27 -10.94
C CYS B 305 16.00 23.42 -10.85
N ASP B 306 15.71 24.54 -11.52
CA ASP B 306 16.58 25.72 -11.45
C ASP B 306 16.72 26.24 -10.01
N ILE B 307 15.61 26.30 -9.29
CA ILE B 307 15.64 26.75 -7.90
C ILE B 307 16.46 25.79 -7.02
N LEU B 308 16.19 24.49 -7.12
CA LEU B 308 16.93 23.49 -6.32
C LEU B 308 18.42 23.47 -6.62
N LYS B 309 18.76 23.67 -7.89
CA LYS B 309 20.14 23.72 -8.33
C LYS B 309 20.90 24.87 -7.64
N GLN B 310 20.26 26.03 -7.42
CA GLN B 310 20.94 27.11 -6.67
C GLN B 310 20.97 26.90 -5.16
N GLU B 311 19.94 26.23 -4.61
CA GLU B 311 20.01 25.80 -3.22
C GLU B 311 21.04 24.67 -3.02
N HIS B 312 21.23 23.84 -4.05
CA HIS B 312 22.08 22.64 -3.95
C HIS B 312 23.03 22.47 -5.14
N PRO B 313 24.08 23.33 -5.23
CA PRO B 313 25.03 23.19 -6.34
C PRO B 313 25.76 21.83 -6.32
N GLU B 314 25.75 21.17 -5.17
CA GLU B 314 26.39 19.86 -5.01
C GLU B 314 25.52 18.68 -5.51
N TRP B 315 24.23 18.88 -5.74
CA TRP B 315 23.35 17.75 -6.10
C TRP B 315 23.55 17.31 -7.54
N GLY B 316 23.38 16.00 -7.77
CA GLY B 316 23.36 15.43 -9.13
C GLY B 316 21.98 15.47 -9.79
N ASP B 317 21.95 15.12 -11.09
CA ASP B 317 20.71 15.10 -11.87
C ASP B 317 19.58 14.27 -11.24
N GLU B 318 19.90 13.08 -10.74
CA GLU B 318 18.86 12.19 -10.21
C GLU B 318 18.12 12.80 -9.01
N GLN B 319 18.87 13.33 -8.04
CA GLN B 319 18.26 13.94 -6.87
C GLN B 319 17.48 15.24 -7.20
N LEU B 320 18.01 16.07 -8.11
CA LEU B 320 17.25 17.25 -8.60
C LEU B 320 15.90 16.80 -9.24
N PHE B 321 15.95 15.76 -10.07
CA PHE B 321 14.73 15.26 -10.70
C PHE B 321 13.72 14.75 -9.65
N GLN B 322 14.18 13.88 -8.74
CA GLN B 322 13.29 13.24 -7.77
C GLN B 322 12.70 14.24 -6.79
N THR B 323 13.50 15.21 -6.37
CA THR B 323 13.04 16.15 -5.37
C THR B 323 12.04 17.12 -6.02
N SER B 324 12.32 17.54 -7.27
CA SER B 324 11.34 18.32 -8.03
C SER B 324 9.99 17.59 -8.20
N ARG B 325 10.02 16.29 -8.47
CA ARG B 325 8.79 15.51 -8.57
C ARG B 325 8.00 15.57 -7.23
N LEU B 326 8.70 15.43 -6.12
CA LEU B 326 8.02 15.50 -4.82
C LEU B 326 7.41 16.87 -4.53
N ILE B 327 8.11 17.94 -4.90
CA ILE B 327 7.61 19.30 -4.75
C ILE B 327 6.36 19.49 -5.63
N LEU B 328 6.41 19.03 -6.88
CA LEU B 328 5.25 19.19 -7.76
C LEU B 328 4.02 18.39 -7.32
N ILE B 329 4.23 17.18 -6.80
CA ILE B 329 3.17 16.44 -6.12
C ILE B 329 2.54 17.29 -4.99
N GLY B 330 3.38 17.91 -4.17
CA GLY B 330 2.90 18.76 -3.08
C GLY B 330 2.14 19.98 -3.59
N GLU B 331 2.65 20.61 -4.65
CA GLU B 331 1.97 21.76 -5.27
C GLU B 331 0.58 21.37 -5.78
N THR B 332 0.53 20.23 -6.46
CA THR B 332 -0.70 19.71 -7.02
C THR B 332 -1.77 19.55 -5.92
N ILE B 333 -1.42 18.86 -4.84
CA ILE B 333 -2.39 18.63 -3.77
C ILE B 333 -2.85 19.96 -3.13
N LYS B 334 -1.89 20.86 -2.94
CA LYS B 334 -2.15 22.18 -2.40
C LYS B 334 -3.19 22.92 -3.26
N ILE B 335 -2.93 22.97 -4.57
CA ILE B 335 -3.83 23.66 -5.50
C ILE B 335 -5.20 22.99 -5.56
N VAL B 336 -5.22 21.65 -5.59
CA VAL B 336 -6.48 20.90 -5.63
C VAL B 336 -7.37 21.21 -4.43
N ILE B 337 -6.81 21.23 -3.23
CA ILE B 337 -7.59 21.51 -2.02
C ILE B 337 -8.02 22.99 -1.95
N GLU B 338 -7.05 23.89 -2.05
CA GLU B 338 -7.29 25.30 -1.71
C GLU B 338 -7.82 26.19 -2.83
N ASP B 339 -7.69 25.74 -4.08
CA ASP B 339 -8.28 26.44 -5.22
C ASP B 339 -9.43 25.65 -5.87
N TYR B 340 -9.13 24.41 -6.21
CA TYR B 340 -10.02 23.59 -7.03
C TYR B 340 -11.26 23.12 -6.24
N VAL B 341 -11.03 22.39 -5.15
CA VAL B 341 -12.12 21.94 -4.27
C VAL B 341 -12.76 23.15 -3.57
N GLN B 342 -11.94 24.14 -3.22
CA GLN B 342 -12.48 25.38 -2.66
C GLN B 342 -13.54 25.98 -3.59
N HIS B 343 -13.20 26.09 -4.88
CA HIS B 343 -14.11 26.64 -5.86
C HIS B 343 -15.39 25.80 -6.01
N LEU B 344 -15.20 24.49 -6.16
CA LEU B 344 -16.30 23.53 -6.27
C LEU B 344 -17.29 23.60 -5.11
N SER B 345 -16.74 23.69 -3.89
CA SER B 345 -17.56 23.60 -2.67
C SER B 345 -18.55 24.76 -2.55
N GLY B 346 -18.11 25.97 -2.91
CA GLY B 346 -18.91 27.19 -2.68
C GLY B 346 -18.89 27.67 -1.23
N TYR B 347 -18.02 27.08 -0.41
CA TYR B 347 -17.96 27.41 1.01
C TYR B 347 -17.34 28.78 1.25
N HIS B 348 -17.86 29.47 2.27
CA HIS B 348 -17.22 30.66 2.82
C HIS B 348 -16.07 30.27 3.73
N PHE B 349 -16.11 29.05 4.26
CA PHE B 349 -14.96 28.50 4.99
C PHE B 349 -13.77 28.28 4.03
N LYS B 350 -12.58 28.69 4.48
CA LYS B 350 -11.36 28.58 3.70
C LYS B 350 -10.67 27.26 4.01
N LEU B 351 -10.74 26.33 3.07
CA LEU B 351 -10.10 25.01 3.23
C LEU B 351 -8.58 25.15 3.30
N LYS B 352 -7.94 24.16 3.87
CA LYS B 352 -6.50 24.23 4.18
C LYS B 352 -5.86 22.90 3.81
N PHE B 353 -4.76 22.94 3.06
CA PHE B 353 -3.88 21.77 2.90
C PHE B 353 -2.89 21.78 4.04
N ASP B 354 -3.05 20.87 4.98
CA ASP B 354 -2.13 20.78 6.12
C ASP B 354 -2.09 19.35 6.65
N PRO B 355 -1.09 18.58 6.21
CA PRO B 355 -0.97 17.20 6.65
C PRO B 355 -0.95 17.02 8.17
N GLU B 356 -0.41 18.00 8.90
CA GLU B 356 -0.35 17.93 10.37
C GLU B 356 -1.69 17.72 11.05
N LEU B 357 -2.78 18.19 10.42
CA LEU B 357 -4.13 18.00 10.95
C LEU B 357 -4.47 16.52 11.23
N LEU B 358 -3.80 15.61 10.51
CA LEU B 358 -4.09 14.19 10.67
C LEU B 358 -3.12 13.43 11.58
N PHE B 359 -2.09 14.10 12.09
CA PHE B 359 -1.05 13.39 12.86
C PHE B 359 -1.49 12.81 14.23
N ASN B 360 -2.60 13.29 14.78
CA ASN B 360 -3.16 12.71 16.01
CA ASN B 360 -3.14 12.67 16.00
C ASN B 360 -4.48 11.98 15.73
N GLN B 361 -4.69 11.62 14.46
CA GLN B 361 -5.90 10.94 14.00
C GLN B 361 -5.56 9.54 13.47
N GLN B 362 -6.57 8.67 13.40
CA GLN B 362 -6.40 7.39 12.70
C GLN B 362 -6.65 7.62 11.21
N PHE B 363 -5.67 7.28 10.39
CA PHE B 363 -5.77 7.53 8.95
C PHE B 363 -4.77 6.66 8.23
N GLN B 364 -5.18 6.11 7.08
CA GLN B 364 -4.32 5.23 6.31
C GLN B 364 -3.71 5.97 5.13
N TYR B 365 -2.37 6.04 5.13
CA TYR B 365 -1.64 6.70 4.06
C TYR B 365 -1.48 5.78 2.86
N GLN B 366 -2.60 5.50 2.21
CA GLN B 366 -2.63 4.62 1.04
C GLN B 366 -3.94 4.89 0.33
N ASN B 367 -4.02 4.52 -0.94
CA ASN B 367 -5.23 4.80 -1.71
C ASN B 367 -5.38 3.75 -2.79
N ARG B 368 -6.63 3.44 -3.12
CA ARG B 368 -6.93 2.60 -4.27
C ARG B 368 -8.10 3.25 -4.98
N ILE B 369 -7.96 3.45 -6.29
CA ILE B 369 -8.95 4.19 -7.06
C ILE B 369 -10.19 3.33 -7.32
N ALA B 370 -11.35 3.83 -6.89
CA ALA B 370 -12.63 3.16 -7.08
C ALA B 370 -13.22 3.44 -8.46
N SER B 371 -13.81 2.40 -9.03
CA SER B 371 -14.49 2.46 -10.31
C SER B 371 -15.61 3.52 -10.26
N GLU B 372 -16.33 3.55 -9.13
CA GLU B 372 -17.44 4.48 -8.96
C GLU B 372 -16.99 5.94 -8.90
N PHE B 373 -15.78 6.17 -8.38
CA PHE B 373 -15.14 7.50 -8.38
C PHE B 373 -14.85 7.98 -9.82
N ASN B 374 -14.29 7.08 -10.62
CA ASN B 374 -14.15 7.28 -12.07
C ASN B 374 -15.50 7.59 -12.74
N THR B 375 -16.51 6.77 -12.47
CA THR B 375 -17.86 6.99 -13.03
C THR B 375 -18.47 8.34 -12.63
N LEU B 376 -18.40 8.71 -11.35
CA LEU B 376 -19.00 9.96 -10.92
C LEU B 376 -18.28 11.20 -11.49
N TYR B 377 -17.04 11.02 -11.94
CA TYR B 377 -16.22 12.11 -12.49
C TYR B 377 -16.38 12.26 -14.01
N HIS B 378 -17.36 11.58 -14.61
CA HIS B 378 -17.61 11.75 -16.04
C HIS B 378 -18.46 13.01 -16.26
N TRP B 379 -17.83 14.17 -16.03
CA TRP B 379 -18.49 15.48 -16.03
C TRP B 379 -18.64 16.04 -17.45
N HIS B 380 -19.17 15.22 -18.35
CA HIS B 380 -19.26 15.69 -19.72
CA HIS B 380 -19.41 15.60 -19.77
C HIS B 380 -20.09 16.98 -19.90
N PRO B 381 -21.09 17.25 -19.03
CA PRO B 381 -21.76 18.55 -19.18
C PRO B 381 -20.91 19.82 -18.99
N LEU B 382 -19.73 19.74 -18.35
CA LEU B 382 -18.84 20.91 -18.28
C LEU B 382 -18.50 21.49 -19.64
N LEU B 383 -18.33 20.61 -20.63
CA LEU B 383 -17.85 21.01 -21.96
C LEU B 383 -18.79 22.00 -22.65
N PRO B 384 -18.21 23.09 -23.22
CA PRO B 384 -19.02 24.08 -23.93
C PRO B 384 -19.37 23.59 -25.33
N ASP B 385 -20.17 24.36 -26.05
CA ASP B 385 -20.54 24.01 -27.41
C ASP B 385 -19.42 24.24 -28.42
N THR B 386 -18.62 25.28 -28.19
CA THR B 386 -17.44 25.58 -28.99
C THR B 386 -16.35 26.08 -28.04
N PHE B 387 -15.09 26.05 -28.48
CA PHE B 387 -13.98 26.52 -27.66
C PHE B 387 -13.55 27.89 -28.18
N ASN B 388 -13.74 28.89 -27.33
CA ASN B 388 -13.60 30.28 -27.73
C ASN B 388 -12.23 30.81 -27.32
N ILE B 389 -11.35 31.00 -28.30
CA ILE B 389 -10.02 31.53 -28.03
C ILE B 389 -9.81 32.79 -28.84
N GLU B 390 -9.49 33.88 -28.14
CA GLU B 390 -9.28 35.18 -28.74
C GLU B 390 -10.54 35.51 -29.53
N ASP B 391 -10.42 35.68 -30.84
CA ASP B 391 -11.60 36.00 -31.66
C ASP B 391 -12.23 34.79 -32.37
N GLN B 392 -11.74 33.58 -32.10
CA GLN B 392 -12.16 32.37 -32.81
C GLN B 392 -13.10 31.48 -31.98
N GLU B 393 -13.95 30.74 -32.69
CA GLU B 393 -14.83 29.77 -32.05
C GLU B 393 -14.67 28.40 -32.70
N TYR B 394 -13.95 27.53 -32.02
CA TYR B 394 -13.63 26.23 -32.58
C TYR B 394 -14.66 25.19 -32.21
N SER B 395 -15.15 24.46 -33.21
CA SER B 395 -16.00 23.31 -32.95
C SER B 395 -15.16 22.19 -32.33
N PHE B 396 -15.84 21.19 -31.78
CA PHE B 396 -15.18 19.96 -31.29
C PHE B 396 -14.30 19.34 -32.36
N LYS B 397 -14.82 19.19 -33.57
CA LYS B 397 -14.07 18.64 -34.69
C LYS B 397 -12.75 19.40 -34.94
N GLN B 398 -12.82 20.74 -34.96
CA GLN B 398 -11.64 21.58 -35.17
C GLN B 398 -10.67 21.53 -33.98
N PHE B 399 -11.21 21.51 -32.76
CA PHE B 399 -10.39 21.56 -31.55
C PHE B 399 -9.58 20.28 -31.30
N LEU B 400 -10.16 19.12 -31.61
CA LEU B 400 -9.51 17.82 -31.38
C LEU B 400 -8.16 17.66 -32.07
N TYR B 401 -7.17 17.20 -31.33
CA TYR B 401 -5.82 16.93 -31.84
C TYR B 401 -5.12 18.13 -32.46
N ASN B 402 -5.57 19.34 -32.13
CA ASN B 402 -5.12 20.52 -32.83
C ASN B 402 -4.10 21.34 -32.06
N ASN B 403 -2.86 20.86 -32.05
CA ASN B 403 -1.78 21.54 -31.37
C ASN B 403 -1.32 22.82 -32.05
N SER B 404 -1.64 22.96 -33.34
CA SER B 404 -1.47 24.22 -34.08
C SER B 404 -2.21 25.37 -33.43
N ILE B 405 -3.44 25.12 -32.97
CA ILE B 405 -4.26 26.14 -32.29
C ILE B 405 -3.45 26.70 -31.13
N LEU B 406 -2.81 25.79 -30.40
CA LEU B 406 -2.03 26.16 -29.22
C LEU B 406 -0.82 26.99 -29.58
N LEU B 407 -0.10 26.61 -30.63
CA LEU B 407 1.11 27.32 -31.06
C LEU B 407 0.75 28.66 -31.66
N GLU B 408 -0.36 28.71 -32.38
CA GLU B 408 -0.68 29.95 -33.07
C GLU B 408 -1.23 31.04 -32.14
N HIS B 409 -2.05 30.68 -31.17
CA HIS B 409 -2.53 31.66 -30.18
C HIS B 409 -1.51 31.89 -29.06
N GLY B 410 -0.82 30.82 -28.64
CA GLY B 410 0.13 30.89 -27.52
C GLY B 410 -0.58 30.61 -26.19
N LEU B 411 0.20 30.29 -25.17
CA LEU B 411 -0.32 29.98 -23.83
C LEU B 411 -0.96 31.17 -23.14
N THR B 412 -0.41 32.38 -23.36
CA THR B 412 -0.98 33.55 -22.69
C THR B 412 -2.43 33.77 -23.10
N GLN B 413 -2.69 33.69 -24.41
CA GLN B 413 -4.04 33.85 -24.93
C GLN B 413 -4.96 32.68 -24.55
N PHE B 414 -4.44 31.46 -24.56
CA PHE B 414 -5.21 30.32 -24.03
C PHE B 414 -5.68 30.61 -22.62
N VAL B 415 -4.77 31.04 -21.73
CA VAL B 415 -5.15 31.30 -20.35
C VAL B 415 -6.19 32.42 -20.27
N GLU B 416 -5.95 33.51 -20.99
CA GLU B 416 -6.88 34.64 -20.91
C GLU B 416 -8.27 34.25 -21.43
N SER B 417 -8.31 33.51 -22.53
CA SER B 417 -9.58 33.11 -23.15
C SER B 417 -10.32 32.08 -22.31
N PHE B 418 -9.62 31.05 -21.85
CA PHE B 418 -10.25 30.03 -21.01
C PHE B 418 -10.66 30.56 -19.61
N THR B 419 -9.93 31.53 -19.06
CA THR B 419 -10.32 32.13 -17.78
C THR B 419 -11.67 32.86 -17.89
N ARG B 420 -11.97 33.39 -19.07
CA ARG B 420 -13.21 34.12 -19.32
C ARG B 420 -14.37 33.23 -19.76
N GLN B 421 -14.10 32.08 -20.37
CA GLN B 421 -15.20 31.27 -20.91
C GLN B 421 -15.88 30.37 -19.86
N ILE B 422 -17.20 30.49 -19.75
CA ILE B 422 -17.97 29.71 -18.78
C ILE B 422 -18.16 28.25 -19.19
N ALA B 423 -18.11 27.35 -18.20
CA ALA B 423 -18.36 25.92 -18.39
C ALA B 423 -19.84 25.58 -18.16
N GLY B 424 -20.24 24.35 -18.51
CA GLY B 424 -21.60 23.88 -18.31
C GLY B 424 -21.90 23.38 -16.90
N ARG B 425 -23.18 23.47 -16.53
CA ARG B 425 -23.69 22.91 -15.29
C ARG B 425 -23.76 21.39 -15.43
N VAL B 426 -23.28 20.67 -14.41
CA VAL B 426 -23.17 19.19 -14.44
C VAL B 426 -24.48 18.49 -14.02
N ALA B 427 -25.08 18.89 -12.91
CA ALA B 427 -26.36 18.34 -12.49
C ALA B 427 -27.52 19.16 -13.10
N GLY B 428 -28.75 18.70 -12.84
CA GLY B 428 -29.94 19.42 -13.31
C GLY B 428 -30.46 18.93 -14.65
N GLY B 429 -29.72 18.04 -15.31
CA GLY B 429 -30.22 17.36 -16.51
C GLY B 429 -29.99 18.08 -17.83
N ARG B 430 -30.17 17.33 -18.92
CA ARG B 430 -30.14 17.83 -20.31
C ARG B 430 -29.01 18.81 -20.64
N ASN B 431 -27.79 18.42 -20.32
CA ASN B 431 -26.67 19.30 -20.59
C ASN B 431 -25.39 18.61 -21.06
N VAL B 432 -25.51 17.37 -21.57
CA VAL B 432 -24.40 16.69 -22.20
C VAL B 432 -24.31 17.12 -23.67
N PRO B 433 -23.19 17.74 -24.09
CA PRO B 433 -23.11 18.12 -25.52
C PRO B 433 -23.20 16.90 -26.45
N ILE B 434 -23.90 17.07 -27.58
CA ILE B 434 -24.14 16.01 -28.56
C ILE B 434 -22.85 15.48 -29.16
N ALA B 435 -21.86 16.36 -29.30
CA ALA B 435 -20.55 15.98 -29.81
C ALA B 435 -19.95 14.79 -29.04
N VAL B 436 -20.29 14.64 -27.76
CA VAL B 436 -19.79 13.51 -26.97
C VAL B 436 -20.88 12.51 -26.55
N GLN B 437 -21.92 12.38 -27.39
CA GLN B 437 -23.04 11.51 -27.04
C GLN B 437 -22.61 10.03 -26.87
N ALA B 438 -21.66 9.57 -27.69
CA ALA B 438 -21.21 8.19 -27.64
C ALA B 438 -20.46 7.85 -26.35
N VAL B 439 -19.74 8.84 -25.81
CA VAL B 439 -19.01 8.70 -24.56
C VAL B 439 -19.98 8.61 -23.39
N ALA B 440 -21.00 9.47 -23.38
CA ALA B 440 -22.05 9.43 -22.36
C ALA B 440 -22.80 8.09 -22.38
N LYS B 441 -23.15 7.61 -23.57
CA LYS B 441 -23.79 6.28 -23.69
C LYS B 441 -22.87 5.17 -23.17
N ALA B 442 -21.58 5.26 -23.46
CA ALA B 442 -20.60 4.29 -22.97
C ALA B 442 -20.55 4.27 -21.44
N SER B 443 -20.67 5.42 -20.80
CA SER B 443 -20.66 5.49 -19.33
C SER B 443 -21.79 4.66 -18.73
N ILE B 444 -23.00 4.83 -19.28
CA ILE B 444 -24.14 4.01 -18.91
C ILE B 444 -23.91 2.52 -19.21
N ASP B 445 -23.52 2.20 -20.44
CA ASP B 445 -23.33 0.83 -20.87
C ASP B 445 -22.23 0.12 -20.05
N GLN B 446 -21.13 0.84 -19.79
CA GLN B 446 -20.02 0.25 -19.04
C GLN B 446 -20.36 0.04 -17.55
N SER B 447 -21.19 0.92 -17.00
CA SER B 447 -21.74 0.75 -15.65
C SER B 447 -22.50 -0.56 -15.48
N ARG B 448 -23.32 -0.88 -16.48
CA ARG B 448 -24.13 -2.10 -16.50
C ARG B 448 -23.24 -3.32 -16.72
N GLU B 449 -22.29 -3.20 -17.65
CA GLU B 449 -21.33 -4.28 -17.89
CA GLU B 449 -21.34 -4.28 -17.89
C GLU B 449 -20.60 -4.63 -16.59
N MET B 450 -20.26 -3.61 -15.81
CA MET B 450 -19.56 -3.77 -14.53
C MET B 450 -20.52 -4.15 -13.37
N LYS B 451 -21.81 -4.18 -13.67
CA LYS B 451 -22.84 -4.62 -12.74
C LYS B 451 -22.94 -3.77 -11.47
N TYR B 452 -22.93 -2.45 -11.67
CA TYR B 452 -23.21 -1.49 -10.63
C TYR B 452 -24.56 -1.75 -9.96
N GLN B 453 -24.57 -1.62 -8.64
CA GLN B 453 -25.79 -1.54 -7.88
C GLN B 453 -26.46 -0.19 -8.17
N SER B 454 -27.71 -0.05 -7.72
CA SER B 454 -28.54 1.11 -8.04
C SER B 454 -28.13 2.38 -7.29
N LEU B 455 -28.69 3.51 -7.75
CA LEU B 455 -28.49 4.81 -7.09
C LEU B 455 -28.76 4.75 -5.58
N ASN B 456 -29.90 4.19 -5.20
CA ASN B 456 -30.25 4.12 -3.78
C ASN B 456 -29.36 3.23 -2.92
N GLU B 457 -28.83 2.14 -3.50
CA GLU B 457 -27.82 1.35 -2.78
C GLU B 457 -26.59 2.21 -2.50
N TYR B 458 -26.14 2.96 -3.50
CA TYR B 458 -25.00 3.86 -3.33
C TYR B 458 -25.22 5.00 -2.31
N ARG B 459 -26.42 5.58 -2.34
CA ARG B 459 -26.79 6.60 -1.36
C ARG B 459 -26.77 6.07 0.08
N LYS B 460 -27.37 4.90 0.31
CA LYS B 460 -27.32 4.27 1.62
C LYS B 460 -25.88 3.92 2.06
N ARG B 461 -25.07 3.44 1.11
CA ARG B 461 -23.68 3.09 1.38
C ARG B 461 -22.89 4.31 1.87
N PHE B 462 -23.32 5.51 1.45
CA PHE B 462 -22.68 6.73 1.88
C PHE B 462 -23.52 7.56 2.85
N SER B 463 -24.34 6.85 3.62
CA SER B 463 -25.14 7.40 4.73
C SER B 463 -26.22 8.42 4.31
N LEU B 464 -26.77 8.24 3.11
CA LEU B 464 -27.83 9.11 2.64
C LEU B 464 -29.13 8.32 2.56
N LYS B 465 -30.22 8.97 2.94
CA LYS B 465 -31.56 8.44 2.74
C LYS B 465 -31.75 8.15 1.25
N PRO B 466 -32.33 6.98 0.92
CA PRO B 466 -32.67 6.70 -0.48
C PRO B 466 -33.73 7.70 -0.97
N TYR B 467 -33.72 8.01 -2.27
CA TYR B 467 -34.82 8.78 -2.86
C TYR B 467 -36.07 7.90 -2.91
N THR B 468 -37.21 8.51 -2.62
CA THR B 468 -38.48 7.79 -2.56
C THR B 468 -39.34 8.00 -3.83
N SER B 469 -38.87 8.85 -4.74
CA SER B 469 -39.54 9.08 -6.04
C SER B 469 -38.61 9.77 -7.04
N PHE B 470 -38.97 9.71 -8.33
CA PHE B 470 -38.18 10.41 -9.35
C PHE B 470 -38.28 11.93 -9.26
N GLU B 471 -39.44 12.44 -8.84
CA GLU B 471 -39.61 13.88 -8.60
C GLU B 471 -38.69 14.38 -7.49
N GLU B 472 -38.50 13.55 -6.46
CA GLU B 472 -37.59 13.90 -5.38
C GLU B 472 -36.14 13.94 -5.87
N LEU B 473 -35.78 13.03 -6.77
CA LEU B 473 -34.45 13.05 -7.38
C LEU B 473 -34.18 14.31 -8.22
N THR B 474 -35.13 14.67 -9.09
CA THR B 474 -34.92 15.75 -10.07
C THR B 474 -35.38 17.13 -9.61
N GLY B 475 -36.25 17.18 -8.62
CA GLY B 475 -36.81 18.45 -8.13
C GLY B 475 -37.76 19.11 -9.13
N GLU B 476 -38.14 18.36 -10.15
CA GLU B 476 -39.04 18.86 -11.19
C GLU B 476 -39.97 17.73 -11.67
N LYS B 477 -40.90 18.05 -12.58
CA LYS B 477 -41.94 17.09 -12.97
C LYS B 477 -41.70 16.39 -14.31
N GLU B 478 -41.10 17.09 -15.26
CA GLU B 478 -40.94 16.58 -16.64
C GLU B 478 -39.93 15.43 -16.84
N MET B 479 -38.67 15.62 -16.43
CA MET B 479 -37.68 14.53 -16.53
C MET B 479 -38.08 13.37 -15.64
N ALA B 480 -38.56 13.68 -14.44
CA ALA B 480 -39.06 12.69 -13.50
C ALA B 480 -40.07 11.75 -14.16
N ALA B 481 -41.01 12.31 -14.92
CA ALA B 481 -42.00 11.52 -15.64
C ALA B 481 -41.39 10.62 -16.72
N GLU B 482 -40.40 11.13 -17.44
CA GLU B 482 -39.68 10.30 -18.43
C GLU B 482 -38.96 9.13 -17.75
N LEU B 483 -38.27 9.42 -16.65
CA LEU B 483 -37.52 8.42 -15.91
C LEU B 483 -38.43 7.37 -15.26
N LYS B 484 -39.61 7.82 -14.82
CA LYS B 484 -40.64 6.97 -14.26
C LYS B 484 -41.10 5.96 -15.32
N ALA B 485 -41.34 6.45 -16.53
CA ALA B 485 -41.72 5.61 -17.66
C ALA B 485 -40.59 4.65 -18.06
N LEU B 486 -39.33 5.06 -17.88
CA LEU B 486 -38.19 4.24 -18.30
C LEU B 486 -37.76 3.17 -17.28
N TYR B 487 -37.78 3.53 -15.99
CA TYR B 487 -37.27 2.67 -14.93
C TYR B 487 -38.33 1.98 -14.06
N SER B 488 -39.55 2.55 -14.05
CA SER B 488 -40.68 2.05 -13.23
C SER B 488 -40.52 2.26 -11.73
N ASP B 489 -39.35 1.92 -11.19
CA ASP B 489 -39.13 1.95 -9.75
C ASP B 489 -37.89 2.79 -9.46
N ILE B 490 -38.03 3.72 -8.53
CA ILE B 490 -36.92 4.58 -8.08
C ILE B 490 -35.72 3.77 -7.57
N ASP B 491 -35.99 2.58 -7.03
CA ASP B 491 -34.94 1.75 -6.44
C ASP B 491 -34.08 0.99 -7.45
N VAL B 492 -34.39 1.12 -8.74
CA VAL B 492 -33.55 0.54 -9.79
C VAL B 492 -32.99 1.62 -10.72
N MET B 493 -33.23 2.89 -10.36
CA MET B 493 -32.55 4.01 -10.99
C MET B 493 -31.02 3.84 -10.94
N GLU B 494 -30.33 4.13 -12.05
CA GLU B 494 -28.87 3.93 -12.13
C GLU B 494 -28.10 5.14 -11.62
N LEU B 495 -26.91 4.88 -11.07
CA LEU B 495 -26.09 5.93 -10.46
C LEU B 495 -25.68 7.04 -11.41
N TYR B 496 -25.10 6.67 -12.56
CA TYR B 496 -24.47 7.68 -13.40
C TYR B 496 -25.47 8.69 -14.00
N PRO B 497 -26.57 8.20 -14.63
CA PRO B 497 -27.52 9.17 -15.18
C PRO B 497 -28.20 10.00 -14.08
N ALA B 498 -28.38 9.42 -12.90
CA ALA B 498 -28.94 10.14 -11.75
C ALA B 498 -28.12 11.35 -11.35
N LEU B 499 -26.79 11.17 -11.27
CA LEU B 499 -25.87 12.26 -10.95
C LEU B 499 -26.03 13.45 -11.90
N LEU B 500 -26.35 13.17 -13.17
CA LEU B 500 -26.51 14.22 -14.18
C LEU B 500 -27.88 14.89 -14.22
N VAL B 501 -28.92 14.23 -13.72
CA VAL B 501 -30.27 14.82 -13.69
C VAL B 501 -30.67 15.28 -12.29
N GLU B 502 -29.83 14.98 -11.31
CA GLU B 502 -30.17 15.28 -9.90
C GLU B 502 -30.42 16.76 -9.70
N LYS B 503 -31.38 17.06 -8.83
CA LYS B 503 -31.63 18.42 -8.38
C LYS B 503 -30.33 19.04 -7.85
N PRO B 504 -29.88 20.15 -8.46
CA PRO B 504 -28.65 20.74 -7.95
C PRO B 504 -28.91 21.49 -6.63
N ARG B 505 -27.88 21.62 -5.79
CA ARG B 505 -27.94 22.58 -4.66
C ARG B 505 -28.23 23.99 -5.20
N PRO B 506 -28.73 24.91 -4.33
CA PRO B 506 -29.16 26.22 -4.87
C PRO B 506 -28.03 26.98 -5.55
N ASP B 507 -28.23 27.31 -6.83
CA ASP B 507 -27.21 27.96 -7.64
C ASP B 507 -25.89 27.19 -7.68
N ALA B 508 -25.97 25.87 -7.53
CA ALA B 508 -24.78 25.02 -7.54
C ALA B 508 -24.61 24.20 -8.82
N ILE B 509 -23.37 23.82 -9.08
CA ILE B 509 -23.04 22.94 -10.20
C ILE B 509 -23.49 21.48 -9.99
N PHE B 510 -23.58 21.02 -8.74
CA PHE B 510 -23.82 19.60 -8.41
C PHE B 510 -24.97 19.48 -7.44
N GLY B 511 -25.57 18.29 -7.39
CA GLY B 511 -26.50 17.92 -6.33
C GLY B 511 -25.82 17.10 -5.24
N GLU B 512 -26.61 16.70 -4.25
CA GLU B 512 -26.13 16.06 -3.03
C GLU B 512 -25.31 14.78 -3.24
N THR B 513 -25.82 13.87 -4.06
CA THR B 513 -25.16 12.57 -4.29
C THR B 513 -23.75 12.72 -4.81
N MET B 514 -23.57 13.63 -5.77
CA MET B 514 -22.24 13.90 -6.33
C MET B 514 -21.26 14.35 -5.25
N VAL B 515 -21.68 15.28 -4.40
CA VAL B 515 -20.79 15.82 -3.37
C VAL B 515 -20.52 14.74 -2.30
N GLU B 516 -21.56 14.06 -1.86
CA GLU B 516 -21.43 13.09 -0.77
C GLU B 516 -20.66 11.82 -1.09
N LEU B 517 -20.62 11.45 -2.37
CA LEU B 517 -19.78 10.32 -2.80
C LEU B 517 -18.41 10.81 -3.22
N GLY B 518 -18.37 11.94 -3.94
CA GLY B 518 -17.13 12.48 -4.49
C GLY B 518 -16.12 12.97 -3.48
N ALA B 519 -16.59 13.67 -2.44
CA ALA B 519 -15.71 14.24 -1.41
C ALA B 519 -14.88 13.20 -0.63
N PRO B 520 -15.52 12.12 -0.12
CA PRO B 520 -14.72 11.07 0.55
C PRO B 520 -13.63 10.47 -0.37
N PHE B 521 -14.00 10.08 -1.59
CA PHE B 521 -13.00 9.57 -2.55
C PHE B 521 -11.87 10.58 -2.81
N SER B 522 -12.25 11.85 -2.96
CA SER B 522 -11.32 12.92 -3.30
CA SER B 522 -11.30 12.89 -3.32
C SER B 522 -10.32 13.18 -2.19
N LEU B 523 -10.83 13.42 -0.99
CA LEU B 523 -9.96 13.76 0.12
C LEU B 523 -9.08 12.58 0.56
N LYS B 524 -9.64 11.38 0.48
CA LYS B 524 -8.88 10.16 0.76
C LYS B 524 -7.65 10.04 -0.15
N GLY B 525 -7.86 10.20 -1.47
CA GLY B 525 -6.77 10.09 -2.44
C GLY B 525 -5.78 11.25 -2.40
N LEU B 526 -6.14 12.34 -1.74
CA LEU B 526 -5.26 13.50 -1.69
C LEU B 526 -4.38 13.42 -0.45
N MET B 527 -5.01 13.18 0.69
CA MET B 527 -4.33 13.10 1.97
C MET B 527 -3.63 11.76 2.17
N GLY B 528 -4.14 10.72 1.50
N GLY B 528 -4.09 10.70 1.49
CA GLY B 528 -3.56 9.38 1.52
CA GLY B 528 -3.49 9.37 1.64
C GLY B 528 -2.53 9.26 0.42
C GLY B 528 -2.10 9.26 1.02
N ASN B 529 -1.69 10.30 0.30
CA ASN B 529 -0.44 10.26 -0.45
C ASN B 529 0.68 10.15 0.59
N PRO B 530 1.74 9.36 0.27
CA PRO B 530 2.83 9.24 1.25
C PRO B 530 3.51 10.55 1.62
N ILE B 531 3.47 11.57 0.76
CA ILE B 531 4.12 12.85 1.11
C ILE B 531 3.39 13.53 2.29
N CYS B 532 2.15 13.14 2.54
CA CYS B 532 1.38 13.70 3.67
C CYS B 532 1.65 12.97 4.98
N SER B 533 2.41 11.88 4.94
CA SER B 533 2.69 11.11 6.15
C SER B 533 3.76 11.81 7.03
N PRO B 534 3.74 11.55 8.34
CA PRO B 534 4.71 12.17 9.26
C PRO B 534 6.17 12.00 8.84
N GLN B 535 6.56 10.83 8.33
CA GLN B 535 7.96 10.65 7.91
C GLN B 535 8.34 11.43 6.65
N TYR B 536 7.38 11.75 5.81
CA TYR B 536 7.68 12.51 4.59
C TYR B 536 7.45 14.00 4.74
N TRP B 537 6.54 14.41 5.61
CA TRP B 537 6.13 15.83 5.69
C TRP B 537 7.10 16.65 6.53
N LYS B 538 8.26 16.94 5.95
CA LYS B 538 9.41 17.56 6.62
C LYS B 538 10.16 18.33 5.55
N PRO B 539 10.75 19.49 5.90
CA PRO B 539 11.44 20.31 4.88
C PRO B 539 12.52 19.56 4.12
N SER B 540 13.30 18.71 4.80
CA SER B 540 14.35 17.92 4.16
C SER B 540 13.92 17.01 3.02
N THR B 541 12.69 16.49 3.06
CA THR B 541 12.11 15.74 1.95
C THR B 541 12.08 16.53 0.62
N PHE B 542 11.93 17.85 0.75
CA PHE B 542 11.71 18.71 -0.40
C PHE B 542 12.92 19.62 -0.67
N GLY B 543 14.07 19.22 -0.16
CA GLY B 543 15.32 19.94 -0.43
C GLY B 543 15.55 21.12 0.50
N GLY B 544 14.76 21.20 1.57
CA GLY B 544 14.98 22.25 2.57
C GLY B 544 13.84 23.23 2.58
N GLU B 545 14.02 24.34 3.30
CA GLU B 545 12.91 25.26 3.58
C GLU B 545 12.34 25.92 2.32
N VAL B 546 13.21 26.22 1.35
CA VAL B 546 12.79 26.84 0.09
C VAL B 546 11.85 25.90 -0.68
N GLY B 547 12.27 24.64 -0.81
CA GLY B 547 11.43 23.64 -1.46
C GLY B 547 10.10 23.44 -0.78
N PHE B 548 10.11 23.41 0.56
CA PHE B 548 8.91 23.27 1.37
C PHE B 548 7.96 24.48 1.22
N LYS B 549 8.54 25.67 1.14
CA LYS B 549 7.75 26.89 0.97
C LYS B 549 7.05 26.93 -0.41
N ILE B 550 7.70 26.41 -1.45
CA ILE B 550 7.11 26.32 -2.78
C ILE B 550 5.78 25.57 -2.72
N ILE B 551 5.78 24.43 -2.03
CA ILE B 551 4.57 23.64 -1.84
C ILE B 551 3.51 24.45 -1.09
N ASN B 552 3.92 25.02 0.05
CA ASN B 552 2.98 25.62 0.96
C ASN B 552 2.45 27.00 0.56
N THR B 553 2.98 27.53 -0.54
CA THR B 553 2.45 28.79 -1.07
C THR B 553 1.93 28.62 -2.50
N ALA B 554 1.76 27.38 -2.96
CA ALA B 554 1.38 27.18 -4.37
C ALA B 554 -0.09 27.54 -4.60
N SER B 555 -0.40 28.04 -5.80
CA SER B 555 -1.76 28.33 -6.19
C SER B 555 -1.94 28.20 -7.68
N ILE B 556 -3.20 28.12 -8.13
CA ILE B 556 -3.46 28.11 -9.56
C ILE B 556 -2.89 29.38 -10.20
N GLN B 557 -3.01 30.51 -9.50
CA GLN B 557 -2.52 31.77 -10.06
CA GLN B 557 -2.52 31.81 -9.97
C GLN B 557 -0.98 31.82 -10.14
N SER B 558 -0.30 31.32 -9.11
CA SER B 558 1.16 31.32 -9.13
C SER B 558 1.73 30.33 -10.17
N LEU B 559 1.10 29.15 -10.32
CA LEU B 559 1.45 28.21 -11.40
C LEU B 559 1.42 28.86 -12.79
N ILE B 560 0.36 29.62 -13.07
CA ILE B 560 0.25 30.37 -14.33
C ILE B 560 1.24 31.55 -14.38
N CYS B 561 1.31 32.31 -13.28
CA CYS B 561 2.19 33.48 -13.23
C CYS B 561 3.67 33.12 -13.45
N ASN B 562 4.15 32.07 -12.78
CA ASN B 562 5.55 31.64 -12.89
C ASN B 562 5.94 31.06 -14.26
N ASN B 563 4.97 30.54 -15.01
CA ASN B 563 5.24 29.70 -16.19
C ASN B 563 4.66 30.18 -17.52
N VAL B 564 3.88 31.25 -17.49
CA VAL B 564 3.22 31.73 -18.71
C VAL B 564 3.62 33.16 -18.93
N LYS B 565 4.12 33.44 -20.13
CA LYS B 565 4.59 34.78 -20.49
C LYS B 565 3.54 35.87 -20.16
N GLY B 566 3.98 36.94 -19.49
CA GLY B 566 3.11 38.07 -19.19
C GLY B 566 2.32 37.94 -17.89
N CYS B 567 2.35 36.76 -17.27
CA CYS B 567 1.61 36.50 -16.04
C CYS B 567 0.15 36.95 -16.15
N PRO B 568 -0.63 36.32 -17.06
CA PRO B 568 -2.05 36.65 -17.13
C PRO B 568 -2.73 36.24 -15.84
N PHE B 569 -3.72 37.02 -15.43
CA PHE B 569 -4.45 36.71 -14.21
C PHE B 569 -5.38 35.52 -14.47
N THR B 570 -5.55 34.66 -13.48
CA THR B 570 -6.40 33.50 -13.66
C THR B 570 -7.09 33.10 -12.38
N SER B 571 -8.04 32.18 -12.52
CA SER B 571 -8.73 31.54 -11.40
C SER B 571 -9.67 30.51 -12.01
N PHE B 572 -10.39 29.78 -11.15
CA PHE B 572 -11.34 28.77 -11.63
C PHE B 572 -12.76 29.31 -11.89
N ASN B 573 -12.98 30.59 -11.60
CA ASN B 573 -14.27 31.22 -11.90
C ASN B 573 -14.21 32.37 -12.91
N VAL B 574 -15.26 32.44 -13.74
CA VAL B 574 -15.96 33.62 -14.34
C VAL B 574 -16.81 33.29 -15.58
#